data_5UI3
#
_entry.id   5UI3
#
_cell.length_a   71.700
_cell.length_b   103.630
_cell.length_c   78.130
_cell.angle_alpha   90.000
_cell.angle_beta   95.020
_cell.angle_gamma   90.000
#
_symmetry.space_group_name_H-M   'P 1 21 1'
#
loop_
_entity.id
_entity.type
_entity.pdbx_description
1 polymer 'Dihydrodipicolinate synthase'
2 non-polymer '2-OXOGLUTARIC ACID'
3 water water
#
_entity_poly.entity_id   1
_entity_poly.type   'polypeptide(L)'
_entity_poly.pdbx_seq_one_letter_code
;MGHHHHHHGENLYFQGSAVRVQATLLPLPASETRSTVDRLKKLRLITAIKTPYLANGKFDLPAYDALVSHQIENGVEGLI
VGGTTGEGHLMSWDEHVMLIAHTVNAFGDKTAVIGNTGSNSTREALHATEQGFAVGMHASLQINPYYGKTSKAGLLNHFN
AVLNEGPAVVYNVPGRTGQDIPDDVVMEICQHSNFLGMKECTGNSRIKNYTSKGVNCWSGNDDESHDARHSNGAVGVISV
TSNVIPGLMHKLMHGSPDPQLNADLKELMAWMFCEPNPISLNTALAMCGLARPVFRLPYVPLSRAQREKGAVLLNKVQEH
IPGCKSVRVMEDHEFILVGRH
;
_entity_poly.pdbx_strand_id   D,A,B,C
#
# COMPACT_ATOMS: atom_id res chain seq x y z
N SER A 35 -27.52 -10.33 -20.88
CA SER A 35 -28.59 -10.69 -19.92
C SER A 35 -28.42 -9.96 -18.60
N THR A 36 -27.24 -10.09 -18.00
CA THR A 36 -26.90 -9.25 -16.82
C THR A 36 -26.85 -7.78 -17.25
N VAL A 37 -26.24 -7.50 -18.38
CA VAL A 37 -26.23 -6.16 -18.95
C VAL A 37 -27.65 -5.61 -19.13
N ASP A 38 -28.51 -6.40 -19.78
CA ASP A 38 -29.89 -5.97 -20.07
C ASP A 38 -30.71 -5.71 -18.81
N ARG A 39 -30.54 -6.54 -17.79
CA ARG A 39 -31.24 -6.35 -16.51
C ARG A 39 -30.78 -5.07 -15.79
N LEU A 40 -29.46 -4.87 -15.73
CA LEU A 40 -28.88 -3.70 -15.03
C LEU A 40 -29.30 -2.38 -15.70
N LYS A 41 -29.39 -2.41 -17.03
CA LYS A 41 -29.81 -1.22 -17.80
C LYS A 41 -31.19 -0.72 -17.46
N LYS A 42 -32.05 -1.59 -16.94
CA LYS A 42 -33.45 -1.24 -16.63
C LYS A 42 -33.70 -0.77 -15.20
N LEU A 43 -32.66 -0.75 -14.34
CA LEU A 43 -32.86 -0.35 -12.95
C LEU A 43 -33.17 1.15 -12.92
N ARG A 44 -34.23 1.54 -12.21
CA ARG A 44 -34.68 2.92 -12.15
C ARG A 44 -34.21 3.67 -10.89
N LEU A 45 -34.00 2.96 -9.77
CA LEU A 45 -33.56 3.60 -8.54
C LEU A 45 -32.30 2.91 -8.00
N ILE A 46 -31.18 3.62 -8.10
CA ILE A 46 -29.90 3.19 -7.56
C ILE A 46 -29.53 4.22 -6.49
N THR A 47 -29.12 3.77 -5.31
CA THR A 47 -28.66 4.69 -4.26
C THR A 47 -27.14 4.72 -4.24
N ALA A 48 -26.58 5.93 -4.25
CA ALA A 48 -25.16 6.10 -3.96
C ALA A 48 -25.05 6.10 -2.45
N ILE A 49 -24.83 4.90 -1.90
CA ILE A 49 -24.97 4.65 -0.46
C ILE A 49 -23.88 5.38 0.34
N LYS A 50 -24.32 5.97 1.46
CA LYS A 50 -23.44 6.64 2.40
C LYS A 50 -22.58 5.58 3.08
N THR A 51 -21.35 5.95 3.44
CA THR A 51 -20.45 5.08 4.15
C THR A 51 -20.36 5.60 5.60
N PRO A 52 -21.04 4.91 6.54
CA PRO A 52 -21.03 5.40 7.92
C PRO A 52 -19.76 4.97 8.66
N TYR A 53 -19.38 5.76 9.67
CA TYR A 53 -18.13 5.58 10.40
C TYR A 53 -18.34 5.38 11.89
N LEU A 54 -17.45 4.58 12.49
CA LEU A 54 -17.32 4.49 13.94
C LEU A 54 -16.59 5.75 14.44
N ALA A 55 -16.61 5.96 15.76
CA ALA A 55 -15.95 7.12 16.39
C ALA A 55 -14.48 7.28 15.94
N ASN A 56 -13.77 6.17 15.79
CA ASN A 56 -12.37 6.19 15.35
C ASN A 56 -12.16 6.38 13.83
N GLY A 57 -13.24 6.55 13.06
CA GLY A 57 -13.16 6.79 11.62
C GLY A 57 -13.22 5.55 10.73
N LYS A 58 -13.10 4.35 11.31
CA LYS A 58 -13.27 3.12 10.55
C LYS A 58 -14.74 2.88 10.20
N PHE A 59 -14.98 2.00 9.23
CA PHE A 59 -16.35 1.74 8.77
C PHE A 59 -17.21 1.14 9.88
N ASP A 60 -18.45 1.60 9.94
CA ASP A 60 -19.47 1.12 10.86
C ASP A 60 -20.38 0.20 10.05
N LEU A 61 -20.01 -1.07 9.96
CA LEU A 61 -20.78 -2.03 9.17
C LEU A 61 -22.17 -2.34 9.72
N PRO A 62 -22.36 -2.34 11.06
CA PRO A 62 -23.76 -2.45 11.54
C PRO A 62 -24.66 -1.32 11.06
N ALA A 63 -24.18 -0.08 11.09
CA ALA A 63 -24.98 1.05 10.58
C ALA A 63 -25.19 0.94 9.06
N TYR A 64 -24.14 0.53 8.35
CA TYR A 64 -24.21 0.36 6.89
C TYR A 64 -25.26 -0.68 6.53
N ASP A 65 -25.21 -1.83 7.22
CA ASP A 65 -26.14 -2.93 6.92
C ASP A 65 -27.60 -2.56 7.23
N ALA A 66 -27.83 -1.87 8.35
CA ALA A 66 -29.18 -1.39 8.69
C ALA A 66 -29.69 -0.41 7.61
N LEU A 67 -28.81 0.49 7.15
CA LEU A 67 -29.17 1.43 6.10
C LEU A 67 -29.54 0.71 4.80
N VAL A 68 -28.70 -0.25 4.39
CA VAL A 68 -28.93 -0.99 3.14
C VAL A 68 -30.22 -1.80 3.20
N SER A 69 -30.48 -2.47 4.32
CA SER A 69 -31.71 -3.25 4.46
C SER A 69 -32.93 -2.34 4.30
N HIS A 70 -32.89 -1.16 4.92
CA HIS A 70 -33.99 -0.20 4.74
C HIS A 70 -34.13 0.26 3.29
N GLN A 71 -33.01 0.44 2.58
CA GLN A 71 -33.03 0.79 1.16
C GLN A 71 -33.77 -0.28 0.35
N ILE A 72 -33.39 -1.53 0.55
CA ILE A 72 -33.93 -2.67 -0.20
C ILE A 72 -35.43 -2.84 0.07
N GLU A 73 -35.85 -2.73 1.34
CA GLU A 73 -37.29 -2.81 1.68
C GLU A 73 -38.14 -1.68 1.08
N ASN A 74 -37.49 -0.59 0.65
CA ASN A 74 -38.17 0.56 0.05
C ASN A 74 -37.99 0.67 -1.46
N GLY A 75 -37.63 -0.43 -2.11
CA GLY A 75 -37.68 -0.49 -3.60
C GLY A 75 -36.39 -0.08 -4.31
N VAL A 76 -35.31 0.17 -3.56
CA VAL A 76 -34.01 0.47 -4.17
C VAL A 76 -33.52 -0.79 -4.86
N GLU A 77 -33.13 -0.66 -6.13
CA GLU A 77 -32.76 -1.79 -6.96
C GLU A 77 -31.25 -2.00 -7.08
N GLY A 78 -30.47 -1.00 -6.70
CA GLY A 78 -29.01 -1.11 -6.73
C GLY A 78 -28.31 -0.08 -5.86
N LEU A 79 -27.02 -0.33 -5.63
CA LEU A 79 -26.17 0.51 -4.79
C LEU A 79 -24.87 0.82 -5.50
N ILE A 80 -24.45 2.08 -5.43
CA ILE A 80 -23.06 2.45 -5.76
C ILE A 80 -22.32 2.37 -4.43
N VAL A 81 -21.32 1.51 -4.34
CA VAL A 81 -20.53 1.36 -3.12
C VAL A 81 -19.23 2.17 -3.22
N GLY A 82 -19.08 3.11 -2.29
CA GLY A 82 -17.93 4.01 -2.31
C GLY A 82 -17.93 4.97 -3.49
N GLY A 83 -19.11 5.45 -3.88
CA GLY A 83 -19.22 6.54 -4.87
C GLY A 83 -18.81 7.85 -4.25
N THR A 84 -19.05 8.96 -4.96
CA THR A 84 -18.74 10.29 -4.42
C THR A 84 -19.43 10.45 -3.07
N THR A 85 -20.73 10.16 -3.04
CA THR A 85 -21.59 10.23 -1.84
C THR A 85 -21.10 9.31 -0.73
N GLY A 86 -20.61 8.15 -1.13
CA GLY A 86 -19.99 7.19 -0.22
C GLY A 86 -18.53 7.44 0.14
N GLU A 87 -17.96 8.56 -0.31
CA GLU A 87 -16.60 8.95 0.06
C GLU A 87 -15.54 7.90 -0.32
N GLY A 88 -15.68 7.35 -1.52
CA GLY A 88 -14.73 6.37 -2.04
C GLY A 88 -13.30 6.90 -2.13
N HIS A 89 -13.21 8.16 -2.53
CA HIS A 89 -11.94 8.91 -2.58
C HIS A 89 -11.26 9.15 -1.22
N LEU A 90 -11.96 8.96 -0.10
CA LEU A 90 -11.37 8.99 1.24
C LEU A 90 -11.02 7.61 1.84
N MET A 91 -11.22 6.55 1.05
CA MET A 91 -10.92 5.18 1.47
C MET A 91 -9.56 4.74 0.96
N SER A 92 -8.90 3.84 1.71
CA SER A 92 -7.81 3.04 1.13
C SER A 92 -8.48 1.91 0.32
N TRP A 93 -7.76 1.38 -0.67
CA TRP A 93 -8.38 0.38 -1.52
C TRP A 93 -8.78 -0.88 -0.72
N ASP A 94 -7.98 -1.30 0.25
CA ASP A 94 -8.33 -2.52 0.99
C ASP A 94 -9.66 -2.41 1.76
N GLU A 95 -9.91 -1.27 2.40
CA GLU A 95 -11.23 -1.09 3.03
C GLU A 95 -12.38 -0.97 1.99
N HIS A 96 -12.10 -0.40 0.82
CA HIS A 96 -13.10 -0.24 -0.22
C HIS A 96 -13.49 -1.62 -0.79
N VAL A 97 -12.50 -2.46 -1.11
CA VAL A 97 -12.79 -3.80 -1.62
C VAL A 97 -13.48 -4.66 -0.54
N MET A 98 -13.08 -4.49 0.70
CA MET A 98 -13.78 -5.10 1.83
C MET A 98 -15.27 -4.72 1.85
N LEU A 99 -15.55 -3.42 1.73
CA LEU A 99 -16.94 -2.94 1.72
C LEU A 99 -17.73 -3.49 0.52
N ILE A 100 -17.11 -3.53 -0.65
CA ILE A 100 -17.74 -4.12 -1.82
C ILE A 100 -18.03 -5.61 -1.57
N ALA A 101 -17.02 -6.33 -1.12
CA ALA A 101 -17.13 -7.79 -0.84
C ALA A 101 -18.23 -8.08 0.18
N HIS A 102 -18.21 -7.32 1.28
CA HIS A 102 -19.24 -7.43 2.31
C HIS A 102 -20.66 -7.20 1.76
N THR A 103 -20.78 -6.18 0.92
CA THR A 103 -22.07 -5.85 0.31
C THR A 103 -22.59 -6.98 -0.61
N VAL A 104 -21.68 -7.53 -1.42
CA VAL A 104 -22.04 -8.67 -2.27
C VAL A 104 -22.50 -9.86 -1.42
N ASN A 105 -21.74 -10.20 -0.38
CA ASN A 105 -22.01 -11.38 0.44
C ASN A 105 -23.32 -11.24 1.23
N ALA A 106 -23.58 -10.06 1.81
CA ALA A 106 -24.79 -9.84 2.59
C ALA A 106 -26.04 -9.52 1.74
N PHE A 107 -25.88 -8.85 0.60
CA PHE A 107 -27.01 -8.30 -0.15
C PHE A 107 -27.03 -8.55 -1.66
N GLY A 108 -26.02 -9.23 -2.21
CA GLY A 108 -25.87 -9.31 -3.67
C GLY A 108 -26.94 -10.11 -4.43
N ASP A 109 -27.65 -10.98 -3.70
CA ASP A 109 -28.84 -11.64 -4.24
C ASP A 109 -30.12 -10.79 -4.17
N LYS A 110 -30.09 -9.69 -3.41
CA LYS A 110 -31.25 -8.82 -3.22
C LYS A 110 -31.16 -7.45 -3.90
N THR A 111 -29.98 -7.06 -4.33
CA THR A 111 -29.76 -5.76 -4.93
C THR A 111 -28.55 -5.82 -5.86
N ALA A 112 -28.53 -4.98 -6.89
CA ALA A 112 -27.35 -4.81 -7.73
C ALA A 112 -26.25 -4.06 -6.96
N VAL A 113 -25.01 -4.56 -7.05
CA VAL A 113 -23.87 -4.02 -6.29
C VAL A 113 -22.92 -3.47 -7.34
N ILE A 114 -22.80 -2.15 -7.36
CA ILE A 114 -22.00 -1.41 -8.33
C ILE A 114 -20.86 -0.75 -7.58
N GLY A 115 -19.66 -1.28 -7.75
CA GLY A 115 -18.48 -0.73 -7.05
C GLY A 115 -17.98 0.49 -7.80
N ASN A 116 -17.81 1.60 -7.10
CA ASN A 116 -17.17 2.77 -7.67
C ASN A 116 -15.67 2.57 -7.66
N THR A 117 -15.16 1.96 -8.71
CA THR A 117 -13.78 1.56 -8.81
C THR A 117 -13.01 2.37 -9.84
N GLY A 118 -13.58 3.48 -10.29
CA GLY A 118 -12.90 4.36 -11.25
C GLY A 118 -11.85 5.23 -10.58
N SER A 119 -11.01 5.85 -11.40
CA SER A 119 -9.89 6.67 -10.90
C SER A 119 -9.35 7.56 -12.01
N ASN A 120 -8.61 8.59 -11.62
CA ASN A 120 -7.85 9.40 -12.58
C ASN A 120 -6.56 8.72 -13.05
N SER A 121 -6.19 7.62 -12.38
CA SER A 121 -5.09 6.77 -12.76
C SER A 121 -5.64 5.50 -13.38
N THR A 122 -5.24 5.23 -14.62
CA THR A 122 -5.73 4.06 -15.35
C THR A 122 -5.31 2.76 -14.67
N ARG A 123 -4.05 2.68 -14.20
CA ARG A 123 -3.63 1.46 -13.49
C ARG A 123 -4.41 1.23 -12.20
N GLU A 124 -4.66 2.30 -11.44
CA GLU A 124 -5.46 2.23 -10.23
C GLU A 124 -6.90 1.79 -10.54
N ALA A 125 -7.50 2.35 -11.59
CA ALA A 125 -8.86 1.98 -11.99
C ALA A 125 -8.94 0.51 -12.37
N LEU A 126 -7.96 0.04 -13.16
CA LEU A 126 -7.93 -1.35 -13.61
C LEU A 126 -7.72 -2.32 -12.45
N HIS A 127 -6.81 -2.00 -11.56
CA HIS A 127 -6.54 -2.81 -10.37
C HIS A 127 -7.81 -2.94 -9.49
N ALA A 128 -8.44 -1.81 -9.17
CA ALA A 128 -9.62 -1.79 -8.31
C ALA A 128 -10.84 -2.44 -8.97
N THR A 129 -11.01 -2.19 -10.26
CA THR A 129 -12.17 -2.68 -10.99
C THR A 129 -12.08 -4.20 -11.12
N GLU A 130 -10.89 -4.71 -11.43
CA GLU A 130 -10.67 -6.16 -11.54
C GLU A 130 -10.93 -6.88 -10.21
N GLN A 131 -10.40 -6.34 -9.13
CA GLN A 131 -10.60 -6.92 -7.81
C GLN A 131 -12.06 -6.82 -7.37
N GLY A 132 -12.72 -5.72 -7.73
CA GLY A 132 -14.14 -5.56 -7.46
C GLY A 132 -15.01 -6.63 -8.11
N PHE A 133 -14.76 -6.90 -9.39
CA PHE A 133 -15.45 -7.99 -10.11
C PHE A 133 -15.08 -9.37 -9.54
N ALA A 134 -13.83 -9.55 -9.12
CA ALA A 134 -13.38 -10.80 -8.51
C ALA A 134 -14.10 -11.14 -7.20
N VAL A 135 -14.52 -10.12 -6.45
CA VAL A 135 -15.36 -10.35 -5.24
C VAL A 135 -16.87 -10.41 -5.52
N GLY A 136 -17.26 -10.37 -6.78
CA GLY A 136 -18.64 -10.59 -7.22
C GLY A 136 -19.52 -9.37 -7.41
N MET A 137 -18.97 -8.16 -7.49
CA MET A 137 -19.81 -6.99 -7.80
C MET A 137 -20.39 -7.14 -9.21
N HIS A 138 -21.57 -6.58 -9.43
CA HIS A 138 -22.27 -6.77 -10.73
C HIS A 138 -21.81 -5.83 -11.82
N ALA A 139 -21.35 -4.65 -11.42
CA ALA A 139 -20.90 -3.63 -12.34
C ALA A 139 -19.96 -2.63 -11.65
N SER A 140 -19.32 -1.78 -12.46
CA SER A 140 -18.53 -0.65 -11.93
C SER A 140 -19.17 0.68 -12.30
N LEU A 141 -18.81 1.70 -11.54
CA LEU A 141 -19.04 3.10 -11.90
C LEU A 141 -17.67 3.70 -12.28
N GLN A 142 -17.60 4.36 -13.44
CA GLN A 142 -16.33 4.79 -14.03
C GLN A 142 -16.39 6.27 -14.40
N ILE A 143 -15.82 7.10 -13.52
CA ILE A 143 -15.65 8.52 -13.79
C ILE A 143 -14.52 8.74 -14.81
N ASN A 144 -14.57 9.85 -15.56
CA ASN A 144 -13.43 10.28 -16.36
C ASN A 144 -12.32 10.81 -15.41
N PRO A 145 -11.05 10.76 -15.86
CA PRO A 145 -9.98 11.24 -14.98
C PRO A 145 -10.13 12.71 -14.55
N TYR A 146 -10.49 12.87 -13.30
CA TYR A 146 -10.63 14.17 -12.63
C TYR A 146 -9.26 14.72 -12.27
N TYR A 147 -9.16 16.05 -12.27
CA TYR A 147 -7.97 16.78 -11.88
C TYR A 147 -6.83 16.61 -12.90
N GLY A 148 -6.30 15.39 -13.02
CA GLY A 148 -5.35 15.03 -14.08
C GLY A 148 -6.04 14.76 -15.40
N LYS A 149 -6.59 15.83 -15.98
CA LYS A 149 -7.41 15.76 -17.18
C LYS A 149 -6.61 15.26 -18.36
N THR A 150 -7.22 14.43 -19.21
CA THR A 150 -6.56 13.91 -20.40
C THR A 150 -7.24 14.34 -21.70
N SER A 151 -6.64 13.96 -22.82
CA SER A 151 -7.17 14.27 -24.13
C SER A 151 -8.35 13.33 -24.46
N LYS A 152 -9.04 13.62 -25.55
CA LYS A 152 -10.05 12.72 -26.11
C LYS A 152 -9.51 11.31 -26.36
N ALA A 153 -8.34 11.22 -26.99
CA ALA A 153 -7.70 9.91 -27.22
C ALA A 153 -7.42 9.19 -25.88
N GLY A 154 -6.98 9.93 -24.87
CA GLY A 154 -6.77 9.37 -23.53
C GLY A 154 -8.02 8.83 -22.89
N LEU A 155 -9.13 9.56 -23.03
CA LEU A 155 -10.44 9.12 -22.48
C LEU A 155 -10.90 7.83 -23.14
N LEU A 156 -10.77 7.72 -24.46
CA LEU A 156 -11.16 6.52 -25.19
C LEU A 156 -10.33 5.31 -24.75
N ASN A 157 -9.02 5.51 -24.54
CA ASN A 157 -8.15 4.45 -24.05
C ASN A 157 -8.57 4.02 -22.63
N HIS A 158 -8.64 4.99 -21.71
CA HIS A 158 -9.06 4.75 -20.33
C HIS A 158 -10.41 4.03 -20.25
N PHE A 159 -11.44 4.59 -20.89
CA PHE A 159 -12.78 3.98 -20.86
C PHE A 159 -12.89 2.61 -21.54
N ASN A 160 -12.22 2.42 -22.66
CA ASN A 160 -12.19 1.09 -23.29
C ASN A 160 -11.55 0.05 -22.37
N ALA A 161 -10.46 0.43 -21.70
CA ALA A 161 -9.78 -0.47 -20.76
C ALA A 161 -10.68 -0.89 -19.58
N VAL A 162 -11.37 0.05 -18.94
CA VAL A 162 -12.23 -0.31 -17.80
C VAL A 162 -13.50 -1.03 -18.24
N LEU A 163 -14.03 -0.68 -19.42
CA LEU A 163 -15.19 -1.35 -19.98
C LEU A 163 -14.91 -2.82 -20.30
N ASN A 164 -13.69 -3.14 -20.70
CA ASN A 164 -13.27 -4.54 -20.93
C ASN A 164 -13.32 -5.42 -19.67
N GLU A 165 -13.30 -4.82 -18.47
CA GLU A 165 -13.33 -5.57 -17.19
C GLU A 165 -14.71 -6.09 -16.82
N GLY A 166 -15.77 -5.45 -17.31
CA GLY A 166 -17.13 -5.86 -16.98
C GLY A 166 -18.10 -4.70 -17.11
N PRO A 167 -19.39 -4.95 -16.86
CA PRO A 167 -20.40 -3.90 -17.01
C PRO A 167 -20.04 -2.60 -16.29
N ALA A 168 -20.25 -1.46 -16.95
CA ALA A 168 -19.87 -0.17 -16.40
C ALA A 168 -20.89 0.92 -16.71
N VAL A 169 -21.18 1.73 -15.68
CA VAL A 169 -21.85 3.01 -15.82
C VAL A 169 -20.75 4.06 -15.95
N VAL A 170 -20.88 4.97 -16.93
CA VAL A 170 -19.90 6.01 -17.18
C VAL A 170 -20.40 7.32 -16.56
N TYR A 171 -19.54 7.95 -15.75
CA TYR A 171 -19.97 9.02 -14.84
C TYR A 171 -19.41 10.37 -15.27
N ASN A 172 -20.30 11.26 -15.69
CA ASN A 172 -19.93 12.60 -16.15
C ASN A 172 -20.41 13.65 -15.16
N VAL A 173 -19.45 14.34 -14.55
CA VAL A 173 -19.73 15.36 -13.55
C VAL A 173 -18.66 16.44 -13.58
N PRO A 174 -18.70 17.28 -14.63
CA PRO A 174 -17.62 18.27 -14.83
C PRO A 174 -17.49 19.29 -13.71
N GLY A 175 -18.57 19.59 -12.99
CA GLY A 175 -18.49 20.48 -11.82
C GLY A 175 -17.52 19.97 -10.76
N ARG A 176 -17.30 18.64 -10.72
CA ARG A 176 -16.30 18.04 -9.85
C ARG A 176 -14.97 17.69 -10.52
N THR A 177 -14.99 17.24 -11.78
CA THR A 177 -13.82 16.67 -12.41
C THR A 177 -12.96 17.70 -13.12
N GLY A 178 -13.57 18.83 -13.48
CA GLY A 178 -12.98 19.85 -14.32
C GLY A 178 -13.09 19.54 -15.80
N GLN A 179 -13.75 18.44 -16.19
CA GLN A 179 -13.82 18.05 -17.58
C GLN A 179 -15.11 17.33 -17.93
N ASP A 180 -15.82 17.92 -18.89
CA ASP A 180 -17.00 17.33 -19.46
C ASP A 180 -16.61 16.21 -20.42
N ILE A 181 -17.24 15.06 -20.29
CA ILE A 181 -17.05 13.96 -21.25
C ILE A 181 -17.87 14.36 -22.49
N PRO A 182 -17.21 14.61 -23.62
CA PRO A 182 -17.93 15.09 -24.79
C PRO A 182 -18.80 14.02 -25.47
N ASP A 183 -19.83 14.48 -26.18
CA ASP A 183 -20.76 13.60 -26.90
C ASP A 183 -20.05 12.58 -27.78
N ASP A 184 -19.03 13.01 -28.53
CA ASP A 184 -18.26 12.11 -29.41
C ASP A 184 -17.68 10.91 -28.73
N VAL A 185 -17.17 11.13 -27.52
CA VAL A 185 -16.65 10.04 -26.69
C VAL A 185 -17.77 9.09 -26.28
N VAL A 186 -18.86 9.64 -25.75
CA VAL A 186 -20.02 8.83 -25.31
C VAL A 186 -20.59 8.02 -26.49
N MET A 187 -20.78 8.67 -27.65
CA MET A 187 -21.33 7.95 -28.83
C MET A 187 -20.43 6.83 -29.35
N GLU A 188 -19.13 6.90 -29.07
CA GLU A 188 -18.23 5.81 -29.38
C GLU A 188 -18.28 4.68 -28.34
N ILE A 189 -18.11 5.02 -27.06
CA ILE A 189 -18.03 3.99 -26.03
C ILE A 189 -19.38 3.34 -25.71
N CYS A 190 -20.50 3.99 -26.07
CA CYS A 190 -21.81 3.42 -25.88
C CYS A 190 -22.07 2.13 -26.66
N GLN A 191 -21.25 1.87 -27.68
CA GLN A 191 -21.31 0.65 -28.50
C GLN A 191 -20.60 -0.54 -27.87
N HIS A 192 -19.82 -0.32 -26.80
CA HIS A 192 -19.19 -1.42 -26.08
C HIS A 192 -20.28 -2.30 -25.45
N SER A 193 -20.10 -3.62 -25.54
CA SER A 193 -21.09 -4.55 -25.00
C SER A 193 -21.28 -4.46 -23.46
N ASN A 194 -20.28 -3.93 -22.74
CA ASN A 194 -20.41 -3.71 -21.28
C ASN A 194 -20.88 -2.32 -20.89
N PHE A 195 -21.20 -1.47 -21.87
CA PHE A 195 -21.70 -0.13 -21.56
C PHE A 195 -23.13 -0.20 -21.05
N LEU A 196 -23.33 0.23 -19.79
CA LEU A 196 -24.67 0.24 -19.19
C LEU A 196 -25.43 1.54 -19.46
N GLY A 197 -24.69 2.64 -19.57
CA GLY A 197 -25.27 3.98 -19.68
C GLY A 197 -24.43 5.03 -18.98
N MET A 198 -24.90 6.28 -19.05
CA MET A 198 -24.33 7.41 -18.36
C MET A 198 -24.96 7.68 -17.01
N LYS A 199 -24.14 8.03 -16.02
CA LYS A 199 -24.62 8.77 -14.86
C LYS A 199 -24.29 10.20 -15.25
N GLU A 200 -25.29 10.91 -15.76
CA GLU A 200 -25.10 12.23 -16.35
C GLU A 200 -25.52 13.29 -15.36
N CYS A 201 -24.62 14.26 -15.11
CA CYS A 201 -24.89 15.36 -14.17
C CYS A 201 -25.02 16.74 -14.82
N THR A 202 -24.87 16.85 -16.16
CA THR A 202 -24.92 18.16 -16.84
C THR A 202 -26.33 18.62 -17.24
N GLY A 203 -27.35 17.84 -16.91
CA GLY A 203 -28.74 18.30 -17.03
C GLY A 203 -29.62 17.53 -17.99
N ASN A 204 -30.89 17.88 -17.92
CA ASN A 204 -31.93 17.14 -18.65
C ASN A 204 -31.88 17.29 -20.15
N SER A 205 -31.37 18.44 -20.65
CA SER A 205 -31.13 18.64 -22.09
C SER A 205 -30.06 17.69 -22.62
N ARG A 206 -28.98 17.53 -21.86
CA ARG A 206 -27.95 16.55 -22.19
C ARG A 206 -28.52 15.14 -22.25
N ILE A 207 -29.29 14.80 -21.22
CA ILE A 207 -29.95 13.50 -21.13
C ILE A 207 -30.89 13.26 -22.31
N LYS A 208 -31.71 14.25 -22.63
CA LYS A 208 -32.67 14.13 -23.73
C LYS A 208 -31.96 13.85 -25.05
N ASN A 209 -30.88 14.58 -25.32
CA ASN A 209 -30.10 14.35 -26.54
C ASN A 209 -29.54 12.92 -26.57
N TYR A 210 -28.97 12.47 -25.44
CA TYR A 210 -28.42 11.10 -25.38
C TYR A 210 -29.50 10.04 -25.55
N THR A 211 -30.59 10.15 -24.79
CA THR A 211 -31.65 9.14 -24.85
C THR A 211 -32.35 9.09 -26.22
N SER A 212 -32.51 10.25 -26.87
CA SER A 212 -33.06 10.29 -28.23
C SER A 212 -32.19 9.55 -29.25
N LYS A 213 -30.89 9.39 -28.94
CA LYS A 213 -29.98 8.61 -29.79
C LYS A 213 -29.68 7.20 -29.27
N GLY A 214 -30.51 6.70 -28.35
CA GLY A 214 -30.37 5.32 -27.85
C GLY A 214 -29.33 5.09 -26.75
N VAL A 215 -28.81 6.17 -26.16
CA VAL A 215 -27.86 6.07 -25.06
C VAL A 215 -28.62 6.10 -23.74
N ASN A 216 -28.54 5.00 -23.02
CA ASN A 216 -29.20 4.86 -21.73
C ASN A 216 -28.58 5.83 -20.71
N CYS A 217 -29.42 6.52 -19.94
CA CYS A 217 -28.96 7.52 -18.98
C CYS A 217 -29.69 7.41 -17.68
N TRP A 218 -28.93 7.53 -16.57
CA TRP A 218 -29.46 7.85 -15.26
C TRP A 218 -29.13 9.30 -14.99
N SER A 219 -30.07 10.03 -14.40
CA SER A 219 -29.75 11.36 -13.86
C SER A 219 -28.96 11.18 -12.58
N GLY A 220 -27.89 11.98 -12.46
CA GLY A 220 -27.13 12.09 -11.22
C GLY A 220 -27.55 13.25 -10.32
N ASN A 221 -28.61 13.99 -10.69
CA ASN A 221 -29.07 15.13 -9.92
C ASN A 221 -30.52 14.92 -9.44
N ASP A 222 -30.67 14.69 -8.12
CA ASP A 222 -31.99 14.48 -7.52
C ASP A 222 -33.06 15.51 -7.93
N ASP A 223 -32.70 16.79 -7.88
CA ASP A 223 -33.66 17.88 -8.22
C ASP A 223 -34.07 17.96 -9.68
N GLU A 224 -33.37 17.24 -10.56
CA GLU A 224 -33.73 17.11 -11.97
C GLU A 224 -34.32 15.75 -12.32
N SER A 225 -34.26 14.78 -11.41
CA SER A 225 -34.43 13.37 -11.74
C SER A 225 -35.86 13.02 -12.15
N HIS A 226 -36.84 13.59 -11.46
CA HIS A 226 -38.25 13.39 -11.83
C HIS A 226 -38.48 13.75 -13.30
N ASP A 227 -38.09 14.95 -13.70
CA ASP A 227 -38.25 15.36 -15.10
C ASP A 227 -37.37 14.60 -16.09
N ALA A 228 -36.18 14.20 -15.65
CA ALA A 228 -35.29 13.35 -16.47
C ALA A 228 -35.98 12.05 -16.84
N ARG A 229 -36.56 11.45 -15.83
CA ARG A 229 -37.26 10.17 -15.93
C ARG A 229 -38.55 10.28 -16.77
N HIS A 230 -39.37 11.26 -16.44
CA HIS A 230 -40.72 11.38 -17.03
C HIS A 230 -40.81 12.15 -18.33
N SER A 231 -39.88 13.06 -18.59
CA SER A 231 -39.93 13.89 -19.83
C SER A 231 -38.70 13.83 -20.72
N ASN A 232 -37.60 13.18 -20.28
CA ASN A 232 -36.36 13.22 -21.06
C ASN A 232 -35.75 11.84 -21.36
N GLY A 233 -36.51 10.77 -21.16
CA GLY A 233 -36.07 9.44 -21.54
C GLY A 233 -35.09 8.75 -20.59
N ALA A 234 -34.78 9.34 -19.45
CA ALA A 234 -33.85 8.70 -18.50
C ALA A 234 -34.50 7.45 -17.93
N VAL A 235 -33.75 6.35 -17.82
CA VAL A 235 -34.28 5.16 -17.15
C VAL A 235 -34.59 5.45 -15.68
N GLY A 236 -33.80 6.32 -15.04
CA GLY A 236 -34.09 6.73 -13.68
C GLY A 236 -32.97 7.55 -13.08
N VAL A 237 -32.66 7.27 -11.81
CA VAL A 237 -31.79 8.12 -11.00
C VAL A 237 -30.74 7.32 -10.21
N ILE A 238 -29.53 7.88 -10.11
CA ILE A 238 -28.53 7.45 -9.15
C ILE A 238 -28.48 8.58 -8.10
N SER A 239 -28.98 8.26 -6.91
CA SER A 239 -29.53 9.26 -6.01
C SER A 239 -28.76 9.41 -4.71
N VAL A 240 -28.72 10.63 -4.20
CA VAL A 240 -28.23 10.95 -2.88
C VAL A 240 -29.36 10.91 -1.85
N THR A 241 -30.43 11.62 -2.18
CA THR A 241 -31.55 11.80 -1.28
C THR A 241 -32.26 10.46 -0.93
N SER A 242 -32.22 9.49 -1.84
CA SER A 242 -32.72 8.14 -1.56
C SER A 242 -32.13 7.51 -0.30
N ASN A 243 -30.91 7.90 0.09
CA ASN A 243 -30.32 7.47 1.38
C ASN A 243 -31.25 7.76 2.57
N VAL A 244 -31.95 8.88 2.50
CA VAL A 244 -32.83 9.40 3.56
C VAL A 244 -34.30 8.96 3.38
N ILE A 245 -34.82 9.12 2.16
CA ILE A 245 -36.23 8.84 1.81
C ILE A 245 -36.34 7.91 0.58
N PRO A 246 -35.87 6.66 0.73
CA PRO A 246 -35.80 5.77 -0.43
C PRO A 246 -37.17 5.47 -1.08
N GLY A 247 -38.21 5.29 -0.24
CA GLY A 247 -39.55 5.01 -0.74
C GLY A 247 -40.15 6.16 -1.53
N LEU A 248 -39.85 7.40 -1.11
CA LEU A 248 -40.30 8.57 -1.87
C LEU A 248 -39.57 8.73 -3.19
N MET A 249 -38.27 8.44 -3.22
CA MET A 249 -37.53 8.45 -4.52
C MET A 249 -38.02 7.33 -5.41
N HIS A 250 -38.38 6.20 -4.82
CA HIS A 250 -39.02 5.12 -5.60
C HIS A 250 -40.31 5.60 -6.28
N LYS A 251 -41.16 6.28 -5.52
CA LYS A 251 -42.40 6.87 -6.07
C LYS A 251 -42.15 7.83 -7.22
N LEU A 252 -41.11 8.65 -7.10
CA LEU A 252 -40.76 9.63 -8.15
C LEU A 252 -40.31 8.99 -9.46
N MET A 253 -39.76 7.75 -9.38
CA MET A 253 -39.23 7.06 -10.55
C MET A 253 -40.17 6.08 -11.24
N HIS A 254 -41.31 5.76 -10.64
CA HIS A 254 -42.26 4.79 -11.22
C HIS A 254 -43.65 5.37 -11.51
N GLY A 255 -44.24 4.96 -12.61
CA GLY A 255 -45.62 5.27 -12.94
C GLY A 255 -45.82 6.62 -13.56
N SER A 256 -46.93 7.26 -13.26
CA SER A 256 -47.24 8.58 -13.86
C SER A 256 -46.35 9.65 -13.22
N PRO A 257 -46.11 10.75 -13.94
CA PRO A 257 -45.51 11.91 -13.32
C PRO A 257 -46.23 12.29 -12.03
N ASP A 258 -45.46 12.68 -11.03
CA ASP A 258 -45.99 13.09 -9.74
C ASP A 258 -45.40 14.46 -9.40
N PRO A 259 -45.89 15.51 -10.06
CA PRO A 259 -45.35 16.84 -9.82
C PRO A 259 -45.61 17.38 -8.41
N GLN A 260 -46.66 16.91 -7.71
CA GLN A 260 -46.87 17.29 -6.32
C GLN A 260 -45.73 16.77 -5.40
N LEU A 261 -45.38 15.50 -5.53
CA LEU A 261 -44.30 14.94 -4.75
C LEU A 261 -42.97 15.68 -5.07
N ASN A 262 -42.72 15.89 -6.36
CA ASN A 262 -41.53 16.60 -6.81
C ASN A 262 -41.45 17.99 -6.15
N ALA A 263 -42.56 18.73 -6.18
CA ALA A 263 -42.63 20.05 -5.52
C ALA A 263 -42.44 19.94 -4.00
N ASP A 264 -43.05 18.95 -3.37
CA ASP A 264 -42.95 18.75 -1.92
C ASP A 264 -41.51 18.46 -1.44
N LEU A 265 -40.70 17.87 -2.34
CA LEU A 265 -39.31 17.51 -2.03
C LEU A 265 -38.29 18.56 -2.44
N LYS A 266 -38.73 19.67 -3.02
CA LYS A 266 -37.84 20.67 -3.62
C LYS A 266 -36.90 21.30 -2.61
N GLU A 267 -37.45 21.77 -1.49
CA GLU A 267 -36.65 22.42 -0.45
C GLU A 267 -35.68 21.44 0.18
N LEU A 268 -36.15 20.23 0.48
CA LEU A 268 -35.25 19.19 1.03
C LEU A 268 -34.09 18.91 0.06
N MET A 269 -34.41 18.73 -1.22
CA MET A 269 -33.39 18.45 -2.21
C MET A 269 -32.36 19.56 -2.35
N ALA A 270 -32.79 20.82 -2.29
CA ALA A 270 -31.85 21.95 -2.28
C ALA A 270 -30.98 21.94 -1.02
N TRP A 271 -31.58 21.66 0.14
CA TRP A 271 -30.84 21.61 1.41
C TRP A 271 -29.78 20.50 1.42
N MET A 272 -30.07 19.38 0.78
CA MET A 272 -29.11 18.28 0.58
C MET A 272 -27.84 18.68 -0.18
N PHE A 273 -27.85 19.81 -0.87
CA PHE A 273 -26.69 20.32 -1.60
C PHE A 273 -26.33 21.76 -1.22
N CYS A 274 -26.73 22.22 -0.03
CA CYS A 274 -26.39 23.59 0.38
C CYS A 274 -24.89 23.73 0.73
N GLU A 275 -24.26 22.63 1.14
CA GLU A 275 -22.81 22.47 1.06
C GLU A 275 -22.59 21.27 0.15
N PRO A 276 -21.37 21.13 -0.40
CA PRO A 276 -21.17 20.04 -1.34
C PRO A 276 -21.45 18.64 -0.76
N ASN A 277 -22.16 17.84 -1.53
CA ASN A 277 -22.46 16.44 -1.16
C ASN A 277 -21.13 15.70 -0.93
N PRO A 278 -20.98 14.92 0.15
CA PRO A 278 -22.05 14.45 1.07
C PRO A 278 -22.17 15.14 2.43
N ILE A 279 -21.85 16.44 2.50
CA ILE A 279 -21.89 17.13 3.79
C ILE A 279 -23.30 17.09 4.41
N SER A 280 -24.30 17.46 3.62
CA SER A 280 -25.70 17.47 4.12
C SER A 280 -26.17 16.07 4.47
N LEU A 281 -25.91 15.12 3.58
CA LEU A 281 -26.29 13.72 3.82
C LEU A 281 -25.70 13.21 5.12
N ASN A 282 -24.39 13.38 5.30
CA ASN A 282 -23.72 12.92 6.53
C ASN A 282 -24.32 13.57 7.78
N THR A 283 -24.66 14.85 7.67
CA THR A 283 -25.25 15.58 8.78
C THR A 283 -26.67 15.04 9.03
N ALA A 284 -27.43 14.87 7.95
CA ALA A 284 -28.82 14.40 8.01
C ALA A 284 -28.97 13.02 8.65
N LEU A 285 -28.13 12.07 8.23
CA LEU A 285 -28.19 10.72 8.81
C LEU A 285 -27.86 10.72 10.30
N ALA A 286 -26.96 11.59 10.73
CA ALA A 286 -26.66 11.74 12.17
C ALA A 286 -27.87 12.32 12.91
N MET A 287 -28.47 13.36 12.33
CA MET A 287 -29.67 14.02 12.87
C MET A 287 -30.87 13.08 13.04
N CYS A 288 -31.00 12.12 12.10
CA CYS A 288 -32.05 11.11 12.12
C CYS A 288 -31.73 9.84 12.93
N GLY A 289 -30.56 9.78 13.57
CA GLY A 289 -30.16 8.62 14.34
C GLY A 289 -29.76 7.41 13.52
N LEU A 290 -29.44 7.60 12.23
CA LEU A 290 -29.17 6.50 11.30
C LEU A 290 -27.68 6.26 11.01
N ALA A 291 -26.81 7.20 11.41
CA ALA A 291 -25.36 7.04 11.38
C ALA A 291 -24.74 7.87 12.49
N ARG A 292 -23.55 7.49 12.95
CA ARG A 292 -22.86 8.28 13.96
C ARG A 292 -22.37 9.61 13.36
N PRO A 293 -22.29 10.66 14.21
CA PRO A 293 -21.91 11.99 13.74
C PRO A 293 -20.37 12.11 13.52
N VAL A 294 -19.84 11.26 12.65
CA VAL A 294 -18.41 11.13 12.46
C VAL A 294 -18.10 11.44 10.99
N PHE A 295 -17.14 12.33 10.77
CA PHE A 295 -16.75 12.80 9.44
C PHE A 295 -15.27 12.48 9.23
N ARG A 296 -14.96 11.92 8.06
CA ARG A 296 -13.57 11.90 7.58
C ARG A 296 -13.27 13.23 6.90
N LEU A 297 -12.17 13.87 7.30
CA LEU A 297 -11.77 15.13 6.69
C LEU A 297 -11.38 14.91 5.21
N PRO A 298 -11.66 15.86 4.32
CA PRO A 298 -11.94 17.27 4.61
C PRO A 298 -13.42 17.67 4.80
N TYR A 299 -14.31 16.69 4.95
CA TYR A 299 -15.72 17.01 5.19
C TYR A 299 -15.94 17.35 6.65
N VAL A 300 -16.77 18.37 6.89
CA VAL A 300 -17.20 18.75 8.23
C VAL A 300 -18.71 19.01 8.17
N PRO A 301 -19.41 18.93 9.34
CA PRO A 301 -20.87 19.03 9.29
C PRO A 301 -21.39 20.41 8.92
N LEU A 302 -22.66 20.45 8.57
CA LEU A 302 -23.38 21.69 8.40
C LEU A 302 -23.35 22.48 9.71
N SER A 303 -23.54 23.78 9.62
CA SER A 303 -23.58 24.65 10.83
C SER A 303 -24.87 24.39 11.59
N ARG A 304 -24.91 24.84 12.84
CA ARG A 304 -26.11 24.75 13.67
C ARG A 304 -27.33 25.35 12.99
N ALA A 305 -27.18 26.55 12.43
CA ALA A 305 -28.28 27.21 11.73
C ALA A 305 -28.80 26.42 10.51
N GLN A 306 -27.88 25.82 9.75
CA GLN A 306 -28.29 24.97 8.62
C GLN A 306 -28.98 23.69 9.07
N ARG A 307 -28.56 23.13 10.20
CA ARG A 307 -29.21 21.95 10.77
C ARG A 307 -30.64 22.28 11.27
N GLU A 308 -30.84 23.49 11.80
CA GLU A 308 -32.19 23.94 12.22
C GLU A 308 -33.14 23.98 11.05
N LYS A 309 -32.70 24.59 9.95
CA LYS A 309 -33.50 24.60 8.72
C LYS A 309 -33.78 23.20 8.24
N GLY A 310 -32.74 22.37 8.21
CA GLY A 310 -32.87 20.96 7.82
C GLY A 310 -33.82 20.10 8.62
N ALA A 311 -33.82 20.28 9.95
CA ALA A 311 -34.70 19.50 10.84
C ALA A 311 -36.17 19.67 10.48
N VAL A 312 -36.56 20.90 10.17
CA VAL A 312 -37.93 21.21 9.74
C VAL A 312 -38.25 20.42 8.46
N LEU A 313 -37.33 20.41 7.50
CA LEU A 313 -37.56 19.73 6.21
C LEU A 313 -37.61 18.22 6.37
N LEU A 314 -36.73 17.69 7.22
CA LEU A 314 -36.69 16.27 7.53
C LEU A 314 -37.93 15.81 8.32
N ASN A 315 -38.34 16.60 9.32
CA ASN A 315 -39.60 16.35 10.07
C ASN A 315 -40.83 16.21 9.19
N LYS A 316 -40.96 17.03 8.15
CA LYS A 316 -42.05 16.94 7.16
C LYS A 316 -42.17 15.56 6.48
N VAL A 317 -41.05 14.86 6.32
CA VAL A 317 -41.05 13.52 5.69
C VAL A 317 -40.60 12.40 6.64
N GLN A 318 -40.67 12.62 7.96
CA GLN A 318 -40.13 11.67 8.95
C GLN A 318 -40.67 10.26 8.82
N GLU A 319 -41.96 10.12 8.52
CA GLU A 319 -42.58 8.80 8.34
C GLU A 319 -41.97 8.01 7.17
N HIS A 320 -41.33 8.71 6.22
CA HIS A 320 -40.65 8.08 5.09
C HIS A 320 -39.15 7.95 5.24
N ILE A 321 -38.61 8.24 6.45
CA ILE A 321 -37.20 8.01 6.77
C ILE A 321 -37.13 6.71 7.55
N PRO A 322 -36.76 5.59 6.89
CA PRO A 322 -36.89 4.29 7.59
C PRO A 322 -35.98 4.19 8.81
N GLY A 323 -36.57 3.75 9.93
CA GLY A 323 -35.81 3.57 11.16
C GLY A 323 -35.60 4.87 11.94
N CYS A 324 -36.08 6.00 11.43
CA CYS A 324 -35.92 7.28 12.11
C CYS A 324 -36.90 7.37 13.26
N LYS A 325 -36.39 7.53 14.48
CA LYS A 325 -37.25 7.67 15.68
C LYS A 325 -37.57 9.14 15.96
N SER A 326 -36.59 10.02 15.75
CA SER A 326 -36.82 11.45 15.78
C SER A 326 -35.70 12.18 15.05
N VAL A 327 -36.00 13.41 14.61
CA VAL A 327 -35.00 14.26 14.00
C VAL A 327 -34.54 15.25 15.07
N ARG A 328 -33.24 15.25 15.34
CA ARG A 328 -32.62 16.16 16.31
C ARG A 328 -31.76 17.14 15.54
N VAL A 329 -31.75 18.41 15.97
CA VAL A 329 -30.92 19.44 15.36
C VAL A 329 -29.44 19.10 15.62
N MET A 330 -29.16 18.62 16.83
CA MET A 330 -27.83 18.27 17.35
C MET A 330 -26.99 19.49 17.68
N GLU A 331 -26.07 19.33 18.62
CA GLU A 331 -25.15 20.40 19.03
C GLU A 331 -23.81 20.19 18.37
N ASP A 332 -23.09 21.29 18.14
CA ASP A 332 -21.80 21.26 17.43
C ASP A 332 -20.79 20.30 18.06
N HIS A 333 -20.77 20.20 19.39
CA HIS A 333 -19.81 19.33 20.10
C HIS A 333 -20.02 17.82 19.89
N GLU A 334 -21.19 17.41 19.41
CA GLU A 334 -21.47 16.01 19.14
C GLU A 334 -20.72 15.43 17.96
N PHE A 335 -20.28 16.29 17.03
CA PHE A 335 -19.63 15.85 15.81
C PHE A 335 -18.15 15.60 16.01
N ILE A 336 -17.66 14.53 15.38
CA ILE A 336 -16.29 14.04 15.53
C ILE A 336 -15.63 14.11 14.15
N LEU A 337 -14.49 14.77 14.07
CA LEU A 337 -13.75 14.92 12.81
C LEU A 337 -12.51 14.04 12.91
N VAL A 338 -12.31 13.16 11.93
CA VAL A 338 -11.18 12.25 11.89
C VAL A 338 -10.29 12.59 10.69
N GLY A 339 -9.01 12.88 10.96
CA GLY A 339 -8.07 13.17 9.86
C GLY A 339 -6.62 12.98 10.16
N SER B 35 13.20 32.33 8.35
CA SER B 35 14.46 32.40 7.54
C SER B 35 14.35 31.50 6.33
N THR B 36 14.04 30.21 6.56
CA THR B 36 13.74 29.29 5.47
C THR B 36 12.47 29.78 4.74
N VAL B 37 11.45 30.16 5.49
CA VAL B 37 10.24 30.72 4.91
C VAL B 37 10.57 31.95 4.03
N ASP B 38 11.33 32.89 4.58
CA ASP B 38 11.67 34.14 3.87
C ASP B 38 12.46 33.91 2.59
N ARG B 39 13.39 32.96 2.61
CA ARG B 39 14.18 32.61 1.42
C ARG B 39 13.31 31.98 0.33
N LEU B 40 12.47 31.03 0.72
CA LEU B 40 11.61 30.32 -0.25
C LEU B 40 10.61 31.25 -0.91
N LYS B 41 10.12 32.23 -0.15
CA LYS B 41 9.17 33.22 -0.66
C LYS B 41 9.71 34.07 -1.79
N LYS B 42 11.03 34.19 -1.89
CA LYS B 42 11.69 35.02 -2.90
C LYS B 42 12.08 34.29 -4.20
N LEU B 43 11.86 32.99 -4.28
CA LEU B 43 12.25 32.25 -5.49
C LEU B 43 11.36 32.68 -6.66
N ARG B 44 11.97 33.01 -7.79
CA ARG B 44 11.24 33.49 -8.97
C ARG B 44 10.96 32.45 -10.03
N LEU B 45 11.80 31.43 -10.14
CA LEU B 45 11.60 30.38 -11.19
C LEU B 45 11.63 29.00 -10.52
N ILE B 46 10.46 28.38 -10.45
CA ILE B 46 10.28 27.03 -9.96
C ILE B 46 9.76 26.21 -11.12
N THR B 47 10.32 25.04 -11.37
CA THR B 47 9.83 24.16 -12.43
C THR B 47 8.99 23.04 -11.80
N ALA B 48 7.80 22.82 -12.34
CA ALA B 48 7.04 21.63 -12.02
C ALA B 48 7.60 20.54 -12.90
N ILE B 49 8.58 19.82 -12.34
CA ILE B 49 9.43 18.91 -13.12
C ILE B 49 8.65 17.70 -13.64
N LYS B 50 8.91 17.36 -14.90
CA LYS B 50 8.37 16.17 -15.54
C LYS B 50 8.94 14.93 -14.89
N THR B 51 8.16 13.87 -14.82
CA THR B 51 8.60 12.58 -14.29
C THR B 51 8.79 11.62 -15.48
N PRO B 52 10.03 11.37 -15.89
CA PRO B 52 10.26 10.50 -17.05
C PRO B 52 10.20 9.02 -16.68
N TYR B 53 9.84 8.18 -17.66
CA TYR B 53 9.61 6.76 -17.43
C TYR B 53 10.49 5.85 -18.29
N LEU B 54 10.84 4.69 -17.74
CA LEU B 54 11.44 3.60 -18.51
C LEU B 54 10.34 2.93 -19.34
N ALA B 55 10.74 2.07 -20.28
CA ALA B 55 9.79 1.33 -21.13
C ALA B 55 8.71 0.60 -20.32
N ASN B 56 9.09 0.03 -19.17
CA ASN B 56 8.15 -0.68 -18.31
C ASN B 56 7.25 0.22 -17.43
N GLY B 57 7.39 1.56 -17.53
CA GLY B 57 6.56 2.49 -16.77
C GLY B 57 7.13 2.96 -15.45
N LYS B 58 8.20 2.35 -15.00
CA LYS B 58 8.87 2.78 -13.74
C LYS B 58 9.67 4.06 -14.02
N PHE B 59 10.03 4.77 -12.96
CA PHE B 59 10.77 6.02 -13.10
C PHE B 59 12.13 5.80 -13.76
N ASP B 60 12.48 6.71 -14.65
CA ASP B 60 13.77 6.74 -15.34
C ASP B 60 14.61 7.79 -14.63
N LEU B 61 15.30 7.38 -13.56
CA LEU B 61 16.07 8.33 -12.75
C LEU B 61 17.28 8.94 -13.48
N PRO B 62 17.95 8.19 -14.39
CA PRO B 62 18.97 8.87 -15.19
C PRO B 62 18.43 10.02 -16.04
N ALA B 63 17.29 9.84 -16.68
CA ALA B 63 16.67 10.93 -17.45
C ALA B 63 16.22 12.08 -16.53
N TYR B 64 15.65 11.72 -15.37
CA TYR B 64 15.19 12.70 -14.38
C TYR B 64 16.36 13.56 -13.92
N ASP B 65 17.46 12.90 -13.56
CA ASP B 65 18.64 13.61 -13.04
C ASP B 65 19.29 14.52 -14.09
N ALA B 66 19.37 14.05 -15.33
CA ALA B 66 19.87 14.87 -16.44
C ALA B 66 18.98 16.10 -16.65
N LEU B 67 17.66 15.90 -16.58
CA LEU B 67 16.70 17.00 -16.74
C LEU B 67 16.88 18.03 -15.62
N VAL B 68 16.97 17.57 -14.37
CA VAL B 68 17.12 18.47 -13.22
C VAL B 68 18.43 19.28 -13.31
N SER B 69 19.53 18.60 -13.66
CA SER B 69 20.82 19.29 -13.80
C SER B 69 20.73 20.37 -14.86
N HIS B 70 20.08 20.08 -16.00
CA HIS B 70 19.89 21.11 -17.02
C HIS B 70 19.05 22.29 -16.52
N GLN B 71 18.04 21.99 -15.68
CA GLN B 71 17.23 23.04 -15.09
C GLN B 71 18.08 23.98 -14.23
N ILE B 72 18.87 23.38 -13.34
CA ILE B 72 19.70 24.12 -12.40
C ILE B 72 20.76 24.98 -13.13
N GLU B 73 21.40 24.43 -14.16
CA GLU B 73 22.35 25.21 -14.96
C GLU B 73 21.75 26.38 -15.73
N ASN B 74 20.43 26.36 -15.90
CA ASN B 74 19.69 27.42 -16.58
C ASN B 74 18.92 28.35 -15.64
N GLY B 75 19.28 28.39 -14.37
CA GLY B 75 18.76 29.38 -13.44
C GLY B 75 17.50 29.01 -12.65
N VAL B 76 17.01 27.79 -12.81
CA VAL B 76 15.86 27.32 -12.04
C VAL B 76 16.26 27.24 -10.58
N GLU B 77 15.46 27.82 -9.70
CA GLU B 77 15.75 27.91 -8.26
C GLU B 77 15.04 26.88 -7.41
N GLY B 78 14.04 26.21 -7.96
CA GLY B 78 13.27 25.20 -7.22
C GLY B 78 12.50 24.26 -8.13
N LEU B 79 12.07 23.14 -7.54
CA LEU B 79 11.33 22.10 -8.24
C LEU B 79 10.09 21.72 -7.44
N ILE B 80 8.97 21.55 -8.15
CA ILE B 80 7.82 20.83 -7.60
C ILE B 80 8.02 19.39 -8.01
N VAL B 81 8.13 18.49 -7.04
CA VAL B 81 8.30 17.07 -7.33
C VAL B 81 6.96 16.33 -7.25
N GLY B 82 6.57 15.74 -8.38
CA GLY B 82 5.31 15.05 -8.49
C GLY B 82 4.12 15.99 -8.40
N GLY B 83 4.24 17.16 -9.01
CA GLY B 83 3.10 18.06 -9.17
C GLY B 83 2.18 17.55 -10.26
N THR B 84 1.22 18.39 -10.68
CA THR B 84 0.31 18.01 -11.75
C THR B 84 1.13 17.60 -13.00
N THR B 85 2.07 18.47 -13.38
CA THR B 85 2.97 18.29 -14.52
C THR B 85 3.83 17.04 -14.38
N GLY B 86 4.26 16.78 -13.14
CA GLY B 86 5.00 15.58 -12.82
C GLY B 86 4.20 14.33 -12.55
N GLU B 87 2.89 14.38 -12.79
CA GLU B 87 2.03 13.21 -12.71
C GLU B 87 2.07 12.54 -11.32
N GLY B 88 2.04 13.37 -10.27
CA GLY B 88 2.01 12.89 -8.89
C GLY B 88 0.84 12.02 -8.57
N HIS B 89 -0.31 12.39 -9.14
CA HIS B 89 -1.55 11.60 -9.07
C HIS B 89 -1.52 10.22 -9.75
N LEU B 90 -0.52 9.97 -10.60
CA LEU B 90 -0.30 8.63 -11.20
C LEU B 90 0.76 7.79 -10.47
N MET B 91 1.33 8.31 -9.37
CA MET B 91 2.32 7.63 -8.57
C MET B 91 1.68 6.93 -7.38
N SER B 92 2.28 5.82 -6.92
CA SER B 92 2.01 5.32 -5.57
C SER B 92 2.84 6.19 -4.60
N TRP B 93 2.42 6.27 -3.34
CA TRP B 93 3.11 7.13 -2.40
C TRP B 93 4.57 6.70 -2.21
N ASP B 94 4.87 5.40 -2.19
CA ASP B 94 6.25 4.97 -1.96
C ASP B 94 7.21 5.43 -3.07
N GLU B 95 6.80 5.35 -4.33
CA GLU B 95 7.64 5.91 -5.40
C GLU B 95 7.73 7.45 -5.34
N HIS B 96 6.66 8.11 -4.90
CA HIS B 96 6.66 9.57 -4.79
C HIS B 96 7.62 10.03 -3.68
N VAL B 97 7.56 9.41 -2.51
CA VAL B 97 8.48 9.78 -1.42
C VAL B 97 9.93 9.43 -1.78
N MET B 98 10.13 8.33 -2.49
CA MET B 98 11.42 7.99 -3.04
C MET B 98 11.95 9.09 -3.96
N LEU B 99 11.12 9.55 -4.90
CA LEU B 99 11.50 10.63 -5.81
C LEU B 99 11.82 11.94 -5.08
N ILE B 100 11.01 12.28 -4.08
CA ILE B 100 11.28 13.47 -3.26
C ILE B 100 12.62 13.30 -2.54
N ALA B 101 12.79 12.15 -1.86
CA ALA B 101 14.02 11.86 -1.11
C ALA B 101 15.25 11.89 -2.01
N HIS B 102 15.16 11.23 -3.16
CA HIS B 102 16.23 11.22 -4.17
C HIS B 102 16.60 12.61 -4.62
N THR B 103 15.59 13.46 -4.86
CA THR B 103 15.82 14.85 -5.30
C THR B 103 16.53 15.66 -4.20
N VAL B 104 16.09 15.50 -2.95
CA VAL B 104 16.74 16.17 -1.82
C VAL B 104 18.22 15.74 -1.74
N ASN B 105 18.47 14.43 -1.78
CA ASN B 105 19.81 13.89 -1.57
C ASN B 105 20.76 14.26 -2.70
N ALA B 106 20.30 14.21 -3.94
CA ALA B 106 21.15 14.56 -5.10
C ALA B 106 21.26 16.08 -5.37
N PHE B 107 20.22 16.85 -5.08
CA PHE B 107 20.14 18.25 -5.51
C PHE B 107 19.70 19.28 -4.44
N GLY B 108 19.41 18.86 -3.23
CA GLY B 108 18.80 19.74 -2.21
C GLY B 108 19.66 20.88 -1.69
N ASP B 109 20.97 20.78 -1.88
CA ASP B 109 21.89 21.89 -1.64
C ASP B 109 21.99 22.87 -2.82
N LYS B 110 21.47 22.50 -3.99
CA LYS B 110 21.53 23.34 -5.20
C LYS B 110 20.21 23.93 -5.63
N THR B 111 19.10 23.41 -5.09
CA THR B 111 17.77 23.83 -5.52
C THR B 111 16.79 23.58 -4.39
N ALA B 112 15.73 24.39 -4.33
CA ALA B 112 14.62 24.16 -3.41
C ALA B 112 13.78 22.95 -3.88
N VAL B 113 13.44 22.05 -2.96
CA VAL B 113 12.72 20.82 -3.28
C VAL B 113 11.36 20.94 -2.59
N ILE B 114 10.32 21.06 -3.42
CA ILE B 114 8.95 21.26 -2.95
C ILE B 114 8.16 20.04 -3.36
N GLY B 115 7.82 19.20 -2.38
CA GLY B 115 7.10 17.98 -2.66
C GLY B 115 5.61 18.29 -2.80
N ASN B 116 5.02 17.80 -3.88
CA ASN B 116 3.57 17.95 -4.04
C ASN B 116 2.90 16.82 -3.27
N THR B 117 2.63 17.09 -2.00
CA THR B 117 2.14 16.09 -1.07
C THR B 117 0.69 16.36 -0.67
N GLY B 118 0.00 17.25 -1.38
CA GLY B 118 -1.41 17.53 -1.13
C GLY B 118 -2.32 16.47 -1.69
N SER B 119 -3.57 16.52 -1.28
CA SER B 119 -4.56 15.49 -1.65
C SER B 119 -5.96 15.97 -1.34
N ASN B 120 -6.95 15.33 -1.98
CA ASN B 120 -8.36 15.55 -1.60
C ASN B 120 -8.77 14.82 -0.33
N SER B 121 -7.89 13.94 0.16
CA SER B 121 -8.04 13.25 1.43
C SER B 121 -7.08 13.89 2.43
N THR B 122 -7.64 14.39 3.53
CA THR B 122 -6.86 15.07 4.54
C THR B 122 -5.86 14.13 5.20
N ARG B 123 -6.27 12.89 5.52
CA ARG B 123 -5.32 11.94 6.10
C ARG B 123 -4.18 11.60 5.14
N GLU B 124 -4.48 11.42 3.87
CA GLU B 124 -3.47 11.16 2.85
C GLU B 124 -2.50 12.34 2.72
N ALA B 125 -3.03 13.57 2.71
CA ALA B 125 -2.20 14.76 2.64
C ALA B 125 -1.26 14.86 3.84
N LEU B 126 -1.79 14.62 5.03
CA LEU B 126 -1.01 14.72 6.26
C LEU B 126 0.09 13.65 6.33
N HIS B 127 -0.28 12.42 5.97
CA HIS B 127 0.70 11.32 5.93
C HIS B 127 1.86 11.62 4.94
N ALA B 128 1.52 12.00 3.72
CA ALA B 128 2.52 12.29 2.68
C ALA B 128 3.37 13.52 2.99
N THR B 129 2.74 14.56 3.53
CA THR B 129 3.39 15.81 3.80
C THR B 129 4.40 15.62 4.96
N GLU B 130 3.98 14.90 6.00
CA GLU B 130 4.87 14.60 7.13
C GLU B 130 6.11 13.81 6.70
N GLN B 131 5.90 12.76 5.91
CA GLN B 131 7.00 11.94 5.43
C GLN B 131 7.90 12.73 4.48
N GLY B 132 7.31 13.61 3.67
CA GLY B 132 8.07 14.47 2.78
C GLY B 132 9.04 15.38 3.51
N PHE B 133 8.56 16.02 4.57
CA PHE B 133 9.42 16.85 5.43
C PHE B 133 10.46 16.02 6.18
N ALA B 134 10.10 14.80 6.60
CA ALA B 134 11.03 13.91 7.28
C ALA B 134 12.23 13.50 6.39
N VAL B 135 12.04 13.42 5.07
CA VAL B 135 13.16 13.19 4.13
C VAL B 135 13.91 14.44 3.68
N GLY B 136 13.54 15.60 4.25
CA GLY B 136 14.27 16.84 4.03
C GLY B 136 13.79 17.77 2.92
N MET B 137 12.57 17.58 2.41
CA MET B 137 12.04 18.55 1.43
C MET B 137 11.86 19.90 2.12
N HIS B 138 12.00 20.98 1.36
CA HIS B 138 11.99 22.33 1.95
C HIS B 138 10.58 22.87 2.19
N ALA B 139 9.63 22.43 1.36
CA ALA B 139 8.25 22.88 1.47
C ALA B 139 7.32 21.88 0.78
N SER B 140 6.01 22.06 0.99
CA SER B 140 4.99 21.32 0.25
C SER B 140 4.21 22.21 -0.69
N LEU B 141 3.59 21.58 -1.70
CA LEU B 141 2.54 22.21 -2.52
C LEU B 141 1.21 21.57 -2.11
N GLN B 142 0.22 22.39 -1.82
CA GLN B 142 -1.05 21.95 -1.22
C GLN B 142 -2.24 22.48 -2.02
N ILE B 143 -2.77 21.63 -2.89
CA ILE B 143 -4.01 21.89 -3.62
C ILE B 143 -5.21 21.77 -2.66
N ASN B 144 -6.30 22.48 -2.96
CA ASN B 144 -7.59 22.24 -2.28
C ASN B 144 -8.16 20.89 -2.74
N PRO B 145 -9.02 20.25 -1.90
CA PRO B 145 -9.58 18.98 -2.30
C PRO B 145 -10.38 19.03 -3.62
N TYR B 146 -9.76 18.47 -4.65
CA TYR B 146 -10.35 18.33 -5.98
C TYR B 146 -11.34 17.19 -5.99
N TYR B 147 -12.36 17.32 -6.85
CA TYR B 147 -13.37 16.28 -7.07
C TYR B 147 -14.29 16.11 -5.85
N GLY B 148 -13.74 15.64 -4.71
CA GLY B 148 -14.46 15.60 -3.44
C GLY B 148 -14.49 16.97 -2.76
N LYS B 149 -15.19 17.89 -3.37
CA LYS B 149 -15.21 19.30 -2.96
C LYS B 149 -15.84 19.44 -1.59
N THR B 150 -15.30 20.33 -0.75
CA THR B 150 -15.81 20.56 0.59
C THR B 150 -16.29 22.00 0.81
N SER B 151 -16.82 22.25 2.00
CA SER B 151 -17.31 23.56 2.38
C SER B 151 -16.12 24.49 2.72
N LYS B 152 -16.43 25.76 2.92
CA LYS B 152 -15.45 26.73 3.41
C LYS B 152 -14.83 26.29 4.74
N ALA B 153 -15.66 25.85 5.68
CA ALA B 153 -15.15 25.33 6.96
C ALA B 153 -14.21 24.13 6.73
N GLY B 154 -14.56 23.25 5.80
CA GLY B 154 -13.69 22.13 5.44
C GLY B 154 -12.34 22.54 4.89
N LEU B 155 -12.32 23.55 4.02
CA LEU B 155 -11.09 24.09 3.44
C LEU B 155 -10.16 24.66 4.52
N LEU B 156 -10.73 25.41 5.45
CA LEU B 156 -9.95 26.00 6.55
C LEU B 156 -9.35 24.93 7.45
N ASN B 157 -10.12 23.87 7.72
CA ASN B 157 -9.62 22.76 8.50
C ASN B 157 -8.46 22.04 7.78
N HIS B 158 -8.74 21.61 6.54
CA HIS B 158 -7.74 20.96 5.69
C HIS B 158 -6.45 21.77 5.57
N PHE B 159 -6.56 23.03 5.14
CA PHE B 159 -5.37 23.88 4.96
C PHE B 159 -4.62 24.21 6.24
N ASN B 160 -5.33 24.46 7.34
CA ASN B 160 -4.64 24.67 8.62
C ASN B 160 -3.84 23.42 9.03
N ALA B 161 -4.43 22.24 8.84
CA ALA B 161 -3.76 20.99 9.17
C ALA B 161 -2.45 20.77 8.36
N VAL B 162 -2.48 20.98 7.04
CA VAL B 162 -1.28 20.78 6.23
C VAL B 162 -0.24 21.89 6.44
N LEU B 163 -0.71 23.12 6.69
CA LEU B 163 0.19 24.24 6.98
C LEU B 163 0.98 24.01 8.29
N ASN B 164 0.36 23.37 9.27
CA ASN B 164 1.04 23.00 10.52
C ASN B 164 2.24 22.04 10.34
N GLU B 165 2.30 21.32 9.22
CA GLU B 165 3.40 20.37 8.93
C GLU B 165 4.70 21.03 8.49
N GLY B 166 4.63 22.22 7.90
CA GLY B 166 5.81 22.93 7.41
C GLY B 166 5.44 23.89 6.30
N PRO B 167 6.44 24.61 5.78
CA PRO B 167 6.18 25.60 4.73
C PRO B 167 5.36 25.04 3.55
N ALA B 168 4.36 25.80 3.10
CA ALA B 168 3.46 25.35 2.05
C ALA B 168 3.10 26.46 1.07
N VAL B 169 3.12 26.09 -0.22
CA VAL B 169 2.51 26.86 -1.28
C VAL B 169 1.09 26.33 -1.46
N VAL B 170 0.10 27.21 -1.54
CA VAL B 170 -1.31 26.83 -1.66
C VAL B 170 -1.72 26.98 -3.12
N TYR B 171 -2.29 25.91 -3.68
CA TYR B 171 -2.42 25.77 -5.13
C TYR B 171 -3.91 25.86 -5.54
N ASN B 172 -4.23 26.94 -6.27
CA ASN B 172 -5.59 27.20 -6.73
C ASN B 172 -5.65 27.04 -8.24
N VAL B 173 -6.41 26.05 -8.68
CA VAL B 173 -6.59 25.73 -10.09
C VAL B 173 -7.98 25.15 -10.31
N PRO B 174 -9.01 26.00 -10.25
CA PRO B 174 -10.40 25.53 -10.34
C PRO B 174 -10.76 24.84 -11.66
N GLY B 175 -10.07 25.18 -12.75
CA GLY B 175 -10.24 24.49 -14.02
C GLY B 175 -9.97 22.99 -13.93
N ARG B 176 -9.15 22.58 -12.97
CA ARG B 176 -8.88 21.18 -12.67
C ARG B 176 -9.61 20.61 -11.47
N THR B 177 -9.80 21.40 -10.42
CA THR B 177 -10.31 20.87 -9.16
C THR B 177 -11.82 20.89 -9.06
N GLY B 178 -12.45 21.75 -9.87
CA GLY B 178 -13.87 22.05 -9.79
C GLY B 178 -14.23 23.05 -8.71
N GLN B 179 -13.23 23.64 -8.04
CA GLN B 179 -13.51 24.57 -6.94
C GLN B 179 -12.42 25.62 -6.79
N ASP B 180 -12.83 26.88 -6.89
CA ASP B 180 -11.99 28.02 -6.65
C ASP B 180 -11.79 28.21 -5.17
N ILE B 181 -10.55 28.39 -4.73
CA ILE B 181 -10.29 28.76 -3.33
C ILE B 181 -10.63 30.25 -3.20
N PRO B 182 -11.68 30.58 -2.42
CA PRO B 182 -12.11 31.98 -2.38
C PRO B 182 -11.18 32.90 -1.63
N ASP B 183 -11.21 34.19 -1.95
CA ASP B 183 -10.40 35.21 -1.28
C ASP B 183 -10.49 35.14 0.24
N ASP B 184 -11.71 34.99 0.78
CA ASP B 184 -11.92 34.97 2.24
C ASP B 184 -11.10 33.85 2.93
N VAL B 185 -11.01 32.70 2.27
CA VAL B 185 -10.20 31.60 2.76
C VAL B 185 -8.69 31.96 2.70
N VAL B 186 -8.24 32.45 1.54
CA VAL B 186 -6.84 32.86 1.37
C VAL B 186 -6.46 33.94 2.38
N MET B 187 -7.28 34.96 2.56
CA MET B 187 -6.98 36.04 3.53
C MET B 187 -6.89 35.57 4.98
N GLU B 188 -7.56 34.46 5.31
CA GLU B 188 -7.39 33.83 6.61
C GLU B 188 -6.09 32.98 6.70
N ILE B 189 -5.90 32.05 5.77
CA ILE B 189 -4.74 31.13 5.86
C ILE B 189 -3.39 31.79 5.52
N CYS B 190 -3.41 32.94 4.83
CA CYS B 190 -2.16 33.65 4.51
C CYS B 190 -1.45 34.19 5.75
N GLN B 191 -2.15 34.25 6.88
CA GLN B 191 -1.57 34.67 8.16
C GLN B 191 -0.79 33.55 8.88
N HIS B 192 -0.92 32.31 8.42
CA HIS B 192 -0.15 31.20 8.99
C HIS B 192 1.34 31.43 8.77
N SER B 193 2.15 31.16 9.78
CA SER B 193 3.60 31.38 9.67
C SER B 193 4.29 30.49 8.62
N ASN B 194 3.68 29.36 8.25
CA ASN B 194 4.20 28.49 7.18
C ASN B 194 3.61 28.78 5.79
N PHE B 195 2.78 29.80 5.67
CA PHE B 195 2.22 30.17 4.37
C PHE B 195 3.28 30.83 3.51
N LEU B 196 3.62 30.21 2.38
CA LEU B 196 4.62 30.77 1.46
C LEU B 196 4.00 31.68 0.40
N GLY B 197 2.75 31.39 0.04
CA GLY B 197 2.06 32.06 -1.04
C GLY B 197 1.13 31.15 -1.82
N MET B 198 0.45 31.73 -2.81
CA MET B 198 -0.40 31.03 -3.74
C MET B 198 0.37 30.62 -5.02
N LYS B 199 0.08 29.41 -5.50
CA LYS B 199 0.31 29.07 -6.90
C LYS B 199 -1.06 29.32 -7.50
N GLU B 200 -1.22 30.50 -8.10
CA GLU B 200 -2.52 30.98 -8.55
C GLU B 200 -2.66 30.79 -10.04
N CYS B 201 -3.74 30.14 -10.46
CA CYS B 201 -4.01 29.88 -11.89
C CYS B 201 -5.21 30.64 -12.47
N THR B 202 -5.92 31.44 -11.66
CA THR B 202 -7.10 32.18 -12.16
C THR B 202 -6.79 33.56 -12.79
N GLY B 203 -5.52 33.91 -12.91
CA GLY B 203 -5.12 35.08 -13.71
C GLY B 203 -4.43 36.21 -12.98
N ASN B 204 -3.93 37.13 -13.79
CA ASN B 204 -3.12 38.24 -13.30
C ASN B 204 -3.89 39.25 -12.46
N SER B 205 -5.20 39.41 -12.72
CA SER B 205 -6.06 40.26 -11.87
C SER B 205 -6.20 39.72 -10.47
N ARG B 206 -6.38 38.40 -10.36
CA ARG B 206 -6.41 37.71 -9.06
C ARG B 206 -5.09 37.94 -8.32
N ILE B 207 -4.00 37.72 -9.03
CA ILE B 207 -2.65 37.91 -8.47
C ILE B 207 -2.42 39.33 -8.01
N LYS B 208 -2.80 40.31 -8.85
CA LYS B 208 -2.59 41.72 -8.51
C LYS B 208 -3.31 42.09 -7.22
N ASN B 209 -4.56 41.64 -7.09
CA ASN B 209 -5.31 41.92 -5.88
C ASN B 209 -4.64 41.29 -4.66
N TYR B 210 -4.22 40.02 -4.78
CA TYR B 210 -3.55 39.34 -3.67
C TYR B 210 -2.22 40.02 -3.30
N THR B 211 -1.36 40.29 -4.31
CA THR B 211 -0.05 40.87 -4.02
C THR B 211 -0.14 42.28 -3.45
N SER B 212 -1.13 43.07 -3.89
CA SER B 212 -1.35 44.41 -3.34
C SER B 212 -1.73 44.37 -1.85
N LYS B 213 -2.26 43.23 -1.38
CA LYS B 213 -2.58 43.04 0.04
C LYS B 213 -1.54 42.21 0.81
N GLY B 214 -0.34 42.04 0.25
CA GLY B 214 0.74 41.33 0.92
C GLY B 214 0.71 39.80 0.86
N VAL B 215 -0.14 39.23 0.00
CA VAL B 215 -0.18 37.80 -0.20
C VAL B 215 0.74 37.45 -1.36
N ASN B 216 1.80 36.71 -1.05
CA ASN B 216 2.81 36.35 -2.05
C ASN B 216 2.19 35.39 -3.08
N CYS B 217 2.46 35.60 -4.37
CA CYS B 217 1.92 34.78 -5.43
C CYS B 217 2.95 34.40 -6.46
N TRP B 218 2.89 33.13 -6.88
CA TRP B 218 3.51 32.68 -8.12
C TRP B 218 2.39 32.47 -9.12
N SER B 219 2.63 32.85 -10.37
CA SER B 219 1.71 32.50 -11.45
C SER B 219 1.90 31.04 -11.79
N GLY B 220 0.78 30.34 -11.95
CA GLY B 220 0.78 28.98 -12.48
C GLY B 220 0.56 28.87 -13.98
N ASN B 221 0.46 30.00 -14.69
CA ASN B 221 0.20 30.01 -16.14
C ASN B 221 1.35 30.67 -16.91
N ASP B 222 2.10 29.86 -17.64
CA ASP B 222 3.26 30.33 -18.42
C ASP B 222 2.95 31.54 -19.32
N ASP B 223 1.84 31.49 -20.05
CA ASP B 223 1.44 32.57 -20.96
C ASP B 223 1.05 33.89 -20.28
N GLU B 224 0.84 33.87 -18.96
CA GLU B 224 0.58 35.06 -18.17
C GLU B 224 1.76 35.47 -17.30
N SER B 225 2.79 34.63 -17.20
CA SER B 225 3.77 34.73 -16.11
C SER B 225 4.67 35.98 -16.23
N HIS B 226 5.08 36.30 -17.45
CA HIS B 226 5.86 37.51 -17.71
C HIS B 226 5.16 38.75 -17.13
N ASP B 227 3.91 38.96 -17.50
CA ASP B 227 3.14 40.10 -16.99
C ASP B 227 2.81 40.00 -15.50
N ALA B 228 2.61 38.78 -15.00
CA ALA B 228 2.40 38.57 -13.55
C ALA B 228 3.58 39.10 -12.75
N ARG B 229 4.76 38.73 -13.23
CA ARG B 229 6.01 39.08 -12.62
C ARG B 229 6.32 40.59 -12.74
N HIS B 230 6.20 41.13 -13.95
CA HIS B 230 6.61 42.50 -14.22
C HIS B 230 5.57 43.58 -13.91
N SER B 231 4.27 43.25 -13.97
CA SER B 231 3.21 44.25 -13.79
C SER B 231 2.19 43.95 -12.68
N ASN B 232 2.23 42.77 -12.07
CA ASN B 232 1.19 42.41 -11.10
C ASN B 232 1.70 41.95 -9.72
N GLY B 233 2.98 42.18 -9.45
CA GLY B 233 3.53 41.91 -8.13
C GLY B 233 3.89 40.45 -7.84
N ALA B 234 3.75 39.54 -8.81
CA ALA B 234 4.06 38.14 -8.58
C ALA B 234 5.55 38.03 -8.38
N VAL B 235 5.96 37.21 -7.39
CA VAL B 235 7.38 36.94 -7.22
C VAL B 235 7.96 36.21 -8.44
N GLY B 236 7.14 35.35 -9.06
CA GLY B 236 7.54 34.74 -10.32
C GLY B 236 6.56 33.67 -10.76
N VAL B 237 7.11 32.54 -11.22
CA VAL B 237 6.35 31.50 -11.93
C VAL B 237 6.67 30.10 -11.41
N ILE B 238 5.63 29.25 -11.33
CA ILE B 238 5.77 27.81 -11.20
C ILE B 238 5.36 27.24 -12.56
N SER B 239 6.34 26.74 -13.32
CA SER B 239 6.26 26.67 -14.75
C SER B 239 6.25 25.25 -15.30
N VAL B 240 5.54 25.08 -16.42
CA VAL B 240 5.58 23.87 -17.21
C VAL B 240 6.63 23.98 -18.32
N THR B 241 6.55 25.08 -19.06
CA THR B 241 7.37 25.29 -20.22
C THR B 241 8.87 25.36 -19.87
N SER B 242 9.21 25.80 -18.66
CA SER B 242 10.58 25.75 -18.15
C SER B 242 11.24 24.37 -18.29
N ASN B 243 10.46 23.30 -18.24
CA ASN B 243 10.99 21.94 -18.52
C ASN B 243 11.74 21.85 -19.87
N VAL B 244 11.25 22.59 -20.86
CA VAL B 244 11.79 22.59 -22.23
C VAL B 244 12.82 23.71 -22.48
N ILE B 245 12.48 24.92 -22.05
CA ILE B 245 13.32 26.12 -22.26
C ILE B 245 13.54 26.90 -20.94
N PRO B 246 14.27 26.27 -20.01
CA PRO B 246 14.41 26.86 -18.66
C PRO B 246 15.09 28.24 -18.65
N GLY B 247 16.12 28.41 -19.50
CA GLY B 247 16.86 29.65 -19.61
C GLY B 247 16.04 30.80 -20.13
N LEU B 248 15.13 30.53 -21.06
CA LEU B 248 14.21 31.53 -21.56
C LEU B 248 13.17 31.92 -20.52
N MET B 249 12.67 30.97 -19.75
CA MET B 249 11.75 31.30 -18.65
C MET B 249 12.48 32.11 -17.55
N HIS B 250 13.76 31.78 -17.34
CA HIS B 250 14.58 32.59 -16.44
C HIS B 250 14.69 34.05 -16.90
N LYS B 251 14.94 34.26 -18.19
CA LYS B 251 14.98 35.61 -18.79
C LYS B 251 13.67 36.38 -18.57
N LEU B 252 12.54 35.70 -18.72
CA LEU B 252 11.23 36.34 -18.53
C LEU B 252 10.96 36.78 -17.08
N MET B 253 11.64 36.15 -16.11
CA MET B 253 11.44 36.42 -14.70
C MET B 253 12.40 37.45 -14.05
N HIS B 254 13.48 37.80 -14.74
CA HIS B 254 14.50 38.70 -14.17
C HIS B 254 14.76 39.92 -15.05
N GLY B 255 15.03 41.06 -14.43
CA GLY B 255 15.51 42.27 -15.14
C GLY B 255 14.39 43.03 -15.81
N SER B 256 14.68 43.61 -16.97
CA SER B 256 13.69 44.44 -17.65
C SER B 256 12.59 43.58 -18.25
N PRO B 257 11.35 44.13 -18.38
CA PRO B 257 10.34 43.45 -19.18
C PRO B 257 10.95 43.10 -20.56
N ASP B 258 10.60 41.93 -21.07
CA ASP B 258 11.07 41.47 -22.34
C ASP B 258 9.85 41.02 -23.16
N PRO B 259 9.06 41.99 -23.63
CA PRO B 259 7.89 41.66 -24.45
C PRO B 259 8.22 41.00 -25.78
N GLN B 260 9.41 41.22 -26.34
CA GLN B 260 9.79 40.52 -27.57
C GLN B 260 9.92 38.99 -27.34
N LEU B 261 10.63 38.59 -26.27
CA LEU B 261 10.76 37.19 -25.95
C LEU B 261 9.37 36.58 -25.65
N ASN B 262 8.59 37.30 -24.85
CA ASN B 262 7.24 36.85 -24.48
C ASN B 262 6.40 36.61 -25.73
N ALA B 263 6.42 37.55 -26.68
CA ALA B 263 5.72 37.39 -27.97
C ALA B 263 6.27 36.24 -28.79
N ASP B 264 7.59 36.08 -28.84
CA ASP B 264 8.23 34.99 -29.59
C ASP B 264 7.87 33.59 -29.08
N LEU B 265 7.54 33.50 -27.78
CA LEU B 265 7.18 32.23 -27.14
C LEU B 265 5.69 31.95 -27.08
N LYS B 266 4.87 32.84 -27.62
CA LYS B 266 3.41 32.75 -27.52
C LYS B 266 2.84 31.46 -28.17
N GLU B 267 3.27 31.19 -29.41
CA GLU B 267 2.80 29.99 -30.11
C GLU B 267 3.26 28.71 -29.43
N LEU B 268 4.52 28.66 -29.01
CA LEU B 268 5.03 27.51 -28.28
C LEU B 268 4.23 27.29 -26.99
N MET B 269 4.00 28.36 -26.23
CA MET B 269 3.25 28.25 -24.98
C MET B 269 1.83 27.75 -25.20
N ALA B 270 1.15 28.21 -26.25
CA ALA B 270 -0.17 27.68 -26.59
C ALA B 270 -0.12 26.19 -26.99
N TRP B 271 0.89 25.81 -27.77
CA TRP B 271 1.06 24.40 -28.19
C TRP B 271 1.31 23.47 -27.00
N MET B 272 2.04 23.97 -25.99
CA MET B 272 2.24 23.23 -24.73
C MET B 272 0.94 22.88 -23.97
N PHE B 273 -0.17 23.55 -24.31
CA PHE B 273 -1.46 23.28 -23.71
C PHE B 273 -2.55 22.98 -24.74
N CYS B 274 -2.19 22.51 -25.93
CA CYS B 274 -3.20 22.19 -26.94
C CYS B 274 -3.97 20.91 -26.57
N GLU B 275 -3.35 20.02 -25.81
CA GLU B 275 -4.06 19.02 -25.01
C GLU B 275 -3.71 19.30 -23.55
N PRO B 276 -4.47 18.74 -22.60
CA PRO B 276 -4.15 19.06 -21.21
C PRO B 276 -2.72 18.68 -20.80
N ASN B 277 -2.06 19.59 -20.11
CA ASN B 277 -0.73 19.37 -19.54
C ASN B 277 -0.82 18.13 -18.60
N PRO B 278 0.14 17.19 -18.68
CA PRO B 278 1.42 17.26 -19.39
C PRO B 278 1.54 16.52 -20.74
N ILE B 279 0.45 16.42 -21.49
CA ILE B 279 0.50 15.68 -22.77
C ILE B 279 1.54 16.28 -23.73
N SER B 280 1.48 17.60 -23.93
CA SER B 280 2.43 18.25 -24.87
C SER B 280 3.86 18.15 -24.35
N LEU B 281 4.05 18.43 -23.07
CA LEU B 281 5.36 18.33 -22.44
C LEU B 281 5.95 16.94 -22.65
N ASN B 282 5.20 15.89 -22.30
CA ASN B 282 5.68 14.52 -22.44
C ASN B 282 6.05 14.21 -23.91
N THR B 283 5.25 14.72 -24.83
CA THR B 283 5.48 14.49 -26.25
C THR B 283 6.74 15.25 -26.67
N ALA B 284 6.84 16.51 -26.24
CA ALA B 284 7.97 17.38 -26.58
C ALA B 284 9.33 16.82 -26.10
N LEU B 285 9.40 16.37 -24.86
CA LEU B 285 10.63 15.80 -24.31
C LEU B 285 11.08 14.55 -25.09
N ALA B 286 10.12 13.74 -25.55
CA ALA B 286 10.44 12.59 -26.38
C ALA B 286 10.96 13.03 -27.76
N MET B 287 10.30 14.01 -28.35
CA MET B 287 10.69 14.60 -29.65
C MET B 287 12.11 15.20 -29.63
N CYS B 288 12.49 15.77 -28.49
CA CYS B 288 13.81 16.38 -28.28
C CYS B 288 14.89 15.43 -27.76
N GLY B 289 14.57 14.14 -27.61
CA GLY B 289 15.53 13.16 -27.09
C GLY B 289 15.86 13.29 -25.62
N LEU B 290 15.00 13.95 -24.84
CA LEU B 290 15.25 14.24 -23.42
C LEU B 290 14.51 13.31 -22.43
N ALA B 291 13.52 12.56 -22.94
CA ALA B 291 12.86 11.50 -22.14
C ALA B 291 12.38 10.42 -23.11
N ARG B 292 12.18 9.20 -22.61
CA ARG B 292 11.68 8.14 -23.46
C ARG B 292 10.20 8.38 -23.82
N PRO B 293 9.77 7.88 -24.99
CA PRO B 293 8.39 8.11 -25.43
C PRO B 293 7.40 7.17 -24.70
N VAL B 294 7.37 7.26 -23.37
CA VAL B 294 6.61 6.35 -22.54
C VAL B 294 5.62 7.18 -21.72
N PHE B 295 4.35 6.78 -21.76
CA PHE B 295 3.26 7.47 -21.08
C PHE B 295 2.60 6.49 -20.10
N ARG B 296 2.38 6.96 -18.88
CA ARG B 296 1.44 6.30 -17.97
C ARG B 296 0.03 6.76 -18.30
N LEU B 297 -0.88 5.81 -18.49
CA LEU B 297 -2.27 6.13 -18.77
C LEU B 297 -2.93 6.83 -17.55
N PRO B 298 -3.85 7.79 -17.77
CA PRO B 298 -4.60 8.01 -19.02
C PRO B 298 -4.01 8.99 -20.02
N TYR B 299 -2.75 9.39 -19.85
CA TYR B 299 -2.12 10.28 -20.82
C TYR B 299 -1.65 9.48 -22.03
N VAL B 300 -1.83 10.06 -23.21
CA VAL B 300 -1.35 9.51 -24.49
C VAL B 300 -0.76 10.68 -25.28
N PRO B 301 0.15 10.38 -26.24
CA PRO B 301 0.85 11.48 -26.92
C PRO B 301 -0.05 12.30 -27.83
N LEU B 302 0.46 13.47 -28.20
CA LEU B 302 -0.15 14.28 -29.23
C LEU B 302 -0.20 13.46 -30.55
N SER B 303 -1.13 13.84 -31.43
CA SER B 303 -1.25 13.21 -32.75
C SER B 303 -0.06 13.57 -33.62
N ARG B 304 0.13 12.80 -34.70
CA ARG B 304 1.18 13.11 -35.70
C ARG B 304 1.09 14.55 -36.19
N ALA B 305 -0.10 14.99 -36.55
CA ALA B 305 -0.30 16.37 -37.03
C ALA B 305 0.09 17.43 -35.99
N GLN B 306 -0.25 17.20 -34.73
CA GLN B 306 0.13 18.12 -33.66
C GLN B 306 1.65 18.13 -33.40
N ARG B 307 2.28 16.98 -33.55
CA ARG B 307 3.73 16.88 -33.44
C ARG B 307 4.46 17.62 -34.57
N GLU B 308 3.88 17.59 -35.79
CA GLU B 308 4.44 18.35 -36.94
C GLU B 308 4.43 19.84 -36.66
N LYS B 309 3.30 20.35 -36.18
CA LYS B 309 3.22 21.76 -35.80
C LYS B 309 4.23 22.08 -34.71
N GLY B 310 4.29 21.22 -33.68
CA GLY B 310 5.23 21.38 -32.58
C GLY B 310 6.71 21.39 -32.96
N ALA B 311 7.12 20.52 -33.88
CA ALA B 311 8.52 20.46 -34.32
C ALA B 311 9.03 21.79 -34.86
N VAL B 312 8.18 22.47 -35.63
CA VAL B 312 8.50 23.79 -36.18
C VAL B 312 8.74 24.78 -35.03
N LEU B 313 7.87 24.76 -34.02
CA LEU B 313 7.97 25.69 -32.88
C LEU B 313 9.17 25.38 -32.00
N LEU B 314 9.44 24.10 -31.79
CA LEU B 314 10.60 23.66 -31.03
C LEU B 314 11.93 23.95 -31.74
N ASN B 315 11.98 23.70 -33.06
CA ASN B 315 13.16 24.06 -33.88
C ASN B 315 13.56 25.52 -33.78
N LYS B 316 12.58 26.44 -33.75
CA LYS B 316 12.85 27.88 -33.55
C LYS B 316 13.62 28.21 -32.25
N VAL B 317 13.46 27.40 -31.21
CA VAL B 317 14.17 27.61 -29.93
C VAL B 317 15.15 26.49 -29.57
N GLN B 318 15.58 25.69 -30.55
CA GLN B 318 16.38 24.47 -30.25
C GLN B 318 17.65 24.73 -29.44
N GLU B 319 18.34 25.85 -29.73
CA GLU B 319 19.55 26.23 -28.98
C GLU B 319 19.27 26.49 -27.49
N HIS B 320 18.01 26.76 -27.12
CA HIS B 320 17.62 26.96 -25.73
C HIS B 320 16.98 25.74 -25.07
N ILE B 321 16.97 24.59 -25.75
CA ILE B 321 16.49 23.33 -25.19
C ILE B 321 17.72 22.52 -24.75
N PRO B 322 18.03 22.53 -23.43
CA PRO B 322 19.29 21.94 -22.99
C PRO B 322 19.43 20.46 -23.29
N GLY B 323 20.54 20.07 -23.89
CA GLY B 323 20.83 18.68 -24.21
C GLY B 323 20.14 18.21 -25.48
N CYS B 324 19.36 19.07 -26.14
CA CYS B 324 18.63 18.67 -27.34
C CYS B 324 19.59 18.60 -28.52
N LYS B 325 19.72 17.43 -29.13
CA LYS B 325 20.61 17.21 -30.29
C LYS B 325 19.83 17.44 -31.60
N SER B 326 18.58 16.99 -31.64
CA SER B 326 17.70 17.32 -32.75
C SER B 326 16.24 17.13 -32.34
N VAL B 327 15.35 17.80 -33.04
CA VAL B 327 13.92 17.66 -32.85
C VAL B 327 13.39 16.74 -33.93
N ARG B 328 12.78 15.64 -33.50
CA ARG B 328 12.15 14.67 -34.42
C ARG B 328 10.65 14.75 -34.25
N VAL B 329 9.91 14.64 -35.35
CA VAL B 329 8.44 14.60 -35.31
C VAL B 329 7.98 13.32 -34.61
N MET B 330 8.69 12.22 -34.92
CA MET B 330 8.42 10.86 -34.41
C MET B 330 7.20 10.21 -35.08
N GLU B 331 7.22 8.88 -35.12
CA GLU B 331 6.10 8.10 -35.65
C GLU B 331 5.25 7.58 -34.51
N ASP B 332 3.97 7.38 -34.79
CA ASP B 332 2.99 6.95 -33.78
C ASP B 332 3.40 5.66 -33.07
N HIS B 333 3.99 4.71 -33.80
CA HIS B 333 4.41 3.40 -33.24
C HIS B 333 5.55 3.47 -32.22
N GLU B 334 6.29 4.57 -32.20
CA GLU B 334 7.39 4.74 -31.23
C GLU B 334 6.92 4.92 -29.79
N PHE B 335 5.68 5.36 -29.59
CA PHE B 335 5.16 5.66 -28.26
C PHE B 335 4.65 4.41 -27.56
N ILE B 336 4.93 4.32 -26.26
CA ILE B 336 4.60 3.17 -25.43
C ILE B 336 3.64 3.64 -24.33
N LEU B 337 2.51 2.97 -24.22
CA LEU B 337 1.48 3.31 -23.23
C LEU B 337 1.52 2.23 -22.16
N VAL B 338 1.64 2.63 -20.90
CA VAL B 338 1.65 1.72 -19.76
C VAL B 338 0.40 1.96 -18.90
N GLY B 339 -0.39 0.90 -18.73
CA GLY B 339 -1.55 0.92 -17.85
C GLY B 339 -2.00 -0.46 -17.40
N SER C 35 35.60 0.57 -5.63
CA SER C 35 36.10 1.63 -4.71
C SER C 35 35.15 1.80 -3.54
N THR C 36 33.87 2.04 -3.83
CA THR C 36 32.84 2.04 -2.78
C THR C 36 32.76 0.63 -2.15
N VAL C 37 32.76 -0.39 -3.00
CA VAL C 37 32.79 -1.77 -2.51
C VAL C 37 33.99 -2.01 -1.59
N ASP C 38 35.19 -1.63 -2.06
CA ASP C 38 36.42 -1.87 -1.31
C ASP C 38 36.45 -1.16 0.04
N ARG C 39 35.94 0.06 0.09
CA ARG C 39 35.86 0.83 1.34
C ARG C 39 34.89 0.18 2.33
N LEU C 40 33.70 -0.18 1.85
CA LEU C 40 32.66 -0.79 2.70
C LEU C 40 33.10 -2.13 3.29
N LYS C 41 33.86 -2.89 2.51
CA LYS C 41 34.38 -4.20 2.96
C LYS C 41 35.30 -4.12 4.15
N LYS C 42 35.92 -2.96 4.36
CA LYS C 42 36.88 -2.76 5.46
C LYS C 42 36.30 -2.20 6.75
N LEU C 43 35.00 -1.89 6.78
CA LEU C 43 34.39 -1.31 7.99
C LEU C 43 34.36 -2.40 9.08
N ARG C 44 34.86 -2.05 10.28
CA ARG C 44 34.96 -3.00 11.38
C ARG C 44 33.81 -2.90 12.40
N LEU C 45 33.22 -1.71 12.56
CA LEU C 45 32.11 -1.55 13.49
C LEU C 45 30.89 -0.94 12.79
N ILE C 46 29.87 -1.77 12.61
CA ILE C 46 28.59 -1.35 12.06
C ILE C 46 27.55 -1.59 13.15
N THR C 47 26.71 -0.61 13.40
CA THR C 47 25.64 -0.77 14.39
C THR C 47 24.31 -1.07 13.68
N ALA C 48 23.63 -2.11 14.13
CA ALA C 48 22.25 -2.36 13.73
C ALA C 48 21.41 -1.47 14.61
N ILE C 49 21.16 -0.25 14.10
CA ILE C 49 20.61 0.84 14.91
C ILE C 49 19.15 0.55 15.33
N LYS C 50 18.87 0.86 16.59
CA LYS C 50 17.54 0.77 17.16
C LYS C 50 16.64 1.82 16.49
N THR C 51 15.36 1.51 16.35
CA THR C 51 14.39 2.44 15.82
C THR C 51 13.51 2.90 16.98
N PRO C 52 13.74 4.14 17.49
CA PRO C 52 12.95 4.60 18.64
C PRO C 52 11.58 5.12 18.20
N TYR C 53 10.62 5.06 19.11
CA TYR C 53 9.23 5.39 18.85
C TYR C 53 8.70 6.50 19.76
N LEU C 54 7.79 7.30 19.21
CA LEU C 54 6.98 8.22 20.00
C LEU C 54 5.90 7.44 20.73
N ALA C 55 5.23 8.08 21.67
CA ALA C 55 4.14 7.46 22.45
C ALA C 55 3.09 6.77 21.57
N ASN C 56 2.75 7.39 20.44
CA ASN C 56 1.77 6.82 19.50
C ASN C 56 2.32 5.71 18.58
N GLY C 57 3.59 5.33 18.71
CA GLY C 57 4.18 4.24 17.94
C GLY C 57 4.90 4.66 16.66
N LYS C 58 4.72 5.92 16.23
CA LYS C 58 5.45 6.44 15.08
C LYS C 58 6.92 6.69 15.41
N PHE C 59 7.77 6.81 14.41
CA PHE C 59 9.19 7.01 14.63
C PHE C 59 9.49 8.31 15.37
N ASP C 60 10.43 8.23 16.29
CA ASP C 60 10.93 9.36 17.08
C ASP C 60 12.27 9.75 16.45
N LEU C 61 12.23 10.60 15.43
CA LEU C 61 13.43 10.99 14.72
C LEU C 61 14.40 11.85 15.55
N PRO C 62 13.89 12.70 16.47
CA PRO C 62 14.86 13.35 17.38
C PRO C 62 15.68 12.38 18.22
N ALA C 63 15.03 11.36 18.79
CA ALA C 63 15.76 10.32 19.54
C ALA C 63 16.72 9.52 18.65
N TYR C 64 16.25 9.21 17.44
CA TYR C 64 17.05 8.46 16.46
C TYR C 64 18.31 9.24 16.10
N ASP C 65 18.14 10.54 15.81
CA ASP C 65 19.27 11.37 15.40
C ASP C 65 20.28 11.58 16.53
N ALA C 66 19.80 11.77 17.76
CA ALA C 66 20.69 11.86 18.92
C ALA C 66 21.50 10.56 19.11
N LEU C 67 20.82 9.42 18.95
CA LEU C 67 21.48 8.13 19.05
C LEU C 67 22.57 7.97 17.98
N VAL C 68 22.24 8.29 16.73
CA VAL C 68 23.17 8.13 15.61
C VAL C 68 24.38 9.05 15.78
N SER C 69 24.16 10.30 16.18
CA SER C 69 25.29 11.23 16.39
C SER C 69 26.23 10.67 17.45
N HIS C 70 25.68 10.14 18.54
CA HIS C 70 26.53 9.53 19.56
C HIS C 70 27.30 8.31 19.04
N GLN C 71 26.67 7.52 18.15
CA GLN C 71 27.34 6.39 17.53
C GLN C 71 28.56 6.84 16.74
N ILE C 72 28.35 7.85 15.89
CA ILE C 72 29.38 8.37 15.00
C ILE C 72 30.56 8.97 15.79
N GLU C 73 30.26 9.74 16.85
CA GLU C 73 31.31 10.31 17.71
C GLU C 73 32.14 9.25 18.46
N ASN C 74 31.62 8.02 18.56
CA ASN C 74 32.28 6.92 19.23
C ASN C 74 32.87 5.88 18.29
N GLY C 75 33.09 6.25 17.03
CA GLY C 75 33.85 5.41 16.11
C GLY C 75 33.06 4.40 15.28
N VAL C 76 31.73 4.43 15.37
CA VAL C 76 30.88 3.59 14.52
C VAL C 76 31.04 4.04 13.08
N GLU C 77 31.32 3.10 12.19
CA GLU C 77 31.63 3.37 10.79
C GLU C 77 30.44 3.17 9.85
N GLY C 78 29.40 2.50 10.31
CA GLY C 78 28.20 2.26 9.49
C GLY C 78 26.99 1.88 10.32
N LEU C 79 25.82 1.95 9.68
CA LEU C 79 24.54 1.63 10.29
C LEU C 79 23.74 0.70 9.41
N ILE C 80 23.12 -0.31 10.01
CA ILE C 80 22.03 -1.06 9.36
C ILE C 80 20.76 -0.36 9.77
N VAL C 81 20.01 0.16 8.79
CA VAL C 81 18.77 0.87 9.06
C VAL C 81 17.57 -0.07 8.86
N GLY C 82 16.81 -0.26 9.94
CA GLY C 82 15.68 -1.18 9.92
C GLY C 82 16.09 -2.63 9.76
N GLY C 83 17.20 -3.01 10.39
CA GLY C 83 17.59 -4.43 10.51
C GLY C 83 16.68 -5.15 11.49
N THR C 84 17.04 -6.37 11.83
CA THR C 84 16.31 -7.13 12.85
C THR C 84 16.19 -6.29 14.12
N THR C 85 17.32 -5.79 14.59
CA THR C 85 17.43 -4.95 15.81
C THR C 85 16.63 -3.66 15.69
N GLY C 86 16.61 -3.11 14.48
CA GLY C 86 15.80 -1.94 14.17
C GLY C 86 14.34 -2.20 13.82
N GLU C 87 13.89 -3.44 13.95
CA GLU C 87 12.48 -3.81 13.76
C GLU C 87 11.95 -3.42 12.37
N GLY C 88 12.77 -3.69 11.35
CA GLY C 88 12.39 -3.42 9.96
C GLY C 88 11.14 -4.18 9.53
N HIS C 89 11.02 -5.41 10.00
CA HIS C 89 9.84 -6.26 9.80
C HIS C 89 8.53 -5.76 10.46
N LEU C 90 8.62 -4.79 11.38
CA LEU C 90 7.42 -4.12 11.94
C LEU C 90 7.09 -2.76 11.29
N MET C 91 7.85 -2.37 10.26
CA MET C 91 7.62 -1.14 9.52
C MET C 91 6.81 -1.36 8.27
N SER C 92 6.04 -0.35 7.85
CA SER C 92 5.54 -0.30 6.46
C SER C 92 6.73 0.20 5.60
N TRP C 93 6.72 -0.12 4.31
CA TRP C 93 7.84 0.24 3.48
C TRP C 93 8.01 1.77 3.38
N ASP C 94 6.92 2.54 3.34
CA ASP C 94 7.07 3.99 3.22
C ASP C 94 7.79 4.64 4.42
N GLU C 95 7.49 4.19 5.64
CA GLU C 95 8.26 4.70 6.79
C GLU C 95 9.73 4.19 6.78
N HIS C 96 9.96 2.98 6.26
CA HIS C 96 11.31 2.43 6.20
C HIS C 96 12.17 3.21 5.19
N VAL C 97 11.63 3.47 3.99
CA VAL C 97 12.38 4.25 3.00
C VAL C 97 12.59 5.71 3.48
N MET C 98 11.61 6.25 4.17
CA MET C 98 11.75 7.54 4.83
C MET C 98 12.93 7.55 5.81
N LEU C 99 13.00 6.53 6.67
CA LEU C 99 14.10 6.42 7.64
C LEU C 99 15.46 6.27 6.96
N ILE C 100 15.51 5.47 5.90
CA ILE C 100 16.75 5.33 5.12
C ILE C 100 17.14 6.67 4.52
N ALA C 101 16.19 7.31 3.84
CA ALA C 101 16.41 8.62 3.18
C ALA C 101 16.88 9.67 4.17
N HIS C 102 16.18 9.75 5.30
CA HIS C 102 16.53 10.67 6.39
C HIS C 102 17.97 10.44 6.89
N THR C 103 18.32 9.17 7.06
CA THR C 103 19.66 8.80 7.54
C THR C 103 20.75 9.21 6.53
N VAL C 104 20.50 8.97 5.24
CA VAL C 104 21.41 9.40 4.19
C VAL C 104 21.59 10.92 4.22
N ASN C 105 20.49 11.66 4.26
CA ASN C 105 20.52 13.13 4.17
C ASN C 105 21.20 13.76 5.41
N ALA C 106 20.93 13.25 6.61
CA ALA C 106 21.52 13.80 7.81
C ALA C 106 22.94 13.29 8.12
N PHE C 107 23.26 12.04 7.75
CA PHE C 107 24.50 11.39 8.18
C PHE C 107 25.31 10.65 7.10
N GLY C 108 24.86 10.64 5.86
CA GLY C 108 25.47 9.81 4.83
C GLY C 108 26.88 10.18 4.39
N ASP C 109 27.28 11.42 4.67
CA ASP C 109 28.67 11.86 4.50
C ASP C 109 29.57 11.47 5.68
N LYS C 110 28.98 11.08 6.81
CA LYS C 110 29.74 10.75 8.03
C LYS C 110 29.76 9.27 8.40
N THR C 111 28.89 8.47 7.78
CA THR C 111 28.77 7.06 8.10
C THR C 111 28.21 6.31 6.92
N ALA C 112 28.56 5.03 6.79
CA ALA C 112 27.96 4.17 5.78
C ALA C 112 26.50 3.83 6.17
N VAL C 113 25.58 3.91 5.21
CA VAL C 113 24.15 3.73 5.46
C VAL C 113 23.75 2.48 4.68
N ILE C 114 23.43 1.44 5.42
CA ILE C 114 23.10 0.13 4.87
C ILE C 114 21.63 -0.15 5.19
N GLY C 115 20.79 -0.09 4.17
CA GLY C 115 19.36 -0.31 4.35
C GLY C 115 19.09 -1.80 4.38
N ASN C 116 18.37 -2.24 5.40
CA ASN C 116 17.91 -3.63 5.45
C ASN C 116 16.67 -3.74 4.60
N THR C 117 16.87 -4.02 3.32
CA THR C 117 15.81 -4.01 2.32
C THR C 117 15.52 -5.42 1.81
N GLY C 118 16.02 -6.45 2.48
CA GLY C 118 15.74 -7.83 2.08
C GLY C 118 14.34 -8.29 2.51
N SER C 119 13.94 -9.43 2.01
CA SER C 119 12.59 -9.98 2.26
C SER C 119 12.53 -11.43 1.82
N ASN C 120 11.52 -12.14 2.32
CA ASN C 120 11.22 -13.50 1.83
C ASN C 120 10.46 -13.51 0.52
N SER C 121 10.02 -12.33 0.09
CA SER C 121 9.41 -12.11 -1.23
C SER C 121 10.45 -11.42 -2.12
N THR C 122 10.78 -12.05 -3.24
CA THR C 122 11.78 -11.51 -4.14
C THR C 122 11.35 -10.18 -4.75
N ARG C 123 10.08 -10.06 -5.15
CA ARG C 123 9.60 -8.77 -5.68
C ARG C 123 9.65 -7.66 -4.62
N GLU C 124 9.25 -7.97 -3.40
CA GLU C 124 9.33 -7.02 -2.29
C GLU C 124 10.79 -6.59 -2.01
N ALA C 125 11.72 -7.55 -2.01
CA ALA C 125 13.13 -7.26 -1.80
C ALA C 125 13.67 -6.34 -2.89
N LEU C 126 13.33 -6.64 -4.15
CA LEU C 126 13.80 -5.85 -5.28
C LEU C 126 13.22 -4.44 -5.28
N HIS C 127 11.93 -4.32 -5.00
CA HIS C 127 11.25 -3.02 -4.89
C HIS C 127 11.91 -2.15 -3.80
N ALA C 128 12.07 -2.70 -2.60
CA ALA C 128 12.64 -1.97 -1.47
C ALA C 128 14.12 -1.63 -1.67
N THR C 129 14.87 -2.58 -2.22
CA THR C 129 16.29 -2.41 -2.42
C THR C 129 16.57 -1.34 -3.47
N GLU C 130 15.80 -1.36 -4.56
CA GLU C 130 15.93 -0.36 -5.62
C GLU C 130 15.63 1.04 -5.12
N GLN C 131 14.53 1.19 -4.37
CA GLN C 131 14.16 2.49 -3.83
C GLN C 131 15.17 2.95 -2.78
N GLY C 132 15.70 2.02 -2.00
CA GLY C 132 16.75 2.33 -1.02
C GLY C 132 17.99 2.93 -1.65
N PHE C 133 18.46 2.31 -2.73
CA PHE C 133 19.61 2.85 -3.49
C PHE C 133 19.28 4.18 -4.18
N ALA C 134 18.04 4.33 -4.65
CA ALA C 134 17.58 5.58 -5.27
C ALA C 134 17.60 6.77 -4.32
N VAL C 135 17.39 6.53 -3.02
CA VAL C 135 17.53 7.60 -2.00
C VAL C 135 18.95 7.78 -1.45
N GLY C 136 19.92 7.05 -2.01
CA GLY C 136 21.33 7.23 -1.72
C GLY C 136 21.97 6.34 -0.66
N MET C 137 21.32 5.25 -0.24
CA MET C 137 21.97 4.33 0.70
C MET C 137 23.19 3.70 0.03
N HIS C 138 24.20 3.37 0.81
CA HIS C 138 25.47 2.85 0.25
C HIS C 138 25.45 1.37 -0.07
N ALA C 139 24.64 0.62 0.67
CA ALA C 139 24.54 -0.82 0.50
C ALA C 139 23.23 -1.35 1.07
N SER C 140 22.92 -2.61 0.76
CA SER C 140 21.81 -3.33 1.38
C SER C 140 22.29 -4.45 2.28
N LEU C 141 21.42 -4.86 3.21
CA LEU C 141 21.55 -6.10 3.96
C LEU C 141 20.47 -7.06 3.41
N GLN C 142 20.87 -8.28 3.06
CA GLN C 142 20.01 -9.21 2.32
C GLN C 142 19.98 -10.57 3.01
N ILE C 143 18.92 -10.80 3.78
CA ILE C 143 18.63 -12.09 4.39
C ILE C 143 18.14 -13.08 3.32
N ASN C 144 18.35 -14.38 3.55
CA ASN C 144 17.69 -15.42 2.75
C ASN C 144 16.18 -15.46 3.11
N PRO C 145 15.33 -15.95 2.18
CA PRO C 145 13.90 -15.99 2.49
C PRO C 145 13.55 -16.84 3.73
N TYR C 146 13.21 -16.14 4.79
CA TYR C 146 12.76 -16.72 6.06
C TYR C 146 11.32 -17.19 5.94
N TYR C 147 10.99 -18.23 6.69
CA TYR C 147 9.66 -18.77 6.78
C TYR C 147 9.21 -19.47 5.49
N GLY C 148 9.06 -18.72 4.40
CA GLY C 148 8.80 -19.27 3.07
C GLY C 148 10.10 -19.74 2.41
N LYS C 149 10.65 -20.80 2.98
CA LYS C 149 11.97 -21.32 2.61
C LYS C 149 11.93 -21.85 1.19
N THR C 150 13.01 -21.63 0.44
CA THR C 150 13.08 -22.08 -0.95
C THR C 150 14.26 -23.06 -1.16
N SER C 151 14.35 -23.57 -2.39
CA SER C 151 15.40 -24.48 -2.78
C SER C 151 16.72 -23.71 -2.99
N LYS C 152 17.80 -24.47 -3.18
CA LYS C 152 19.09 -23.90 -3.55
C LYS C 152 19.01 -23.07 -4.84
N ALA C 153 18.33 -23.60 -5.87
CA ALA C 153 18.12 -22.83 -7.09
C ALA C 153 17.37 -21.50 -6.82
N GLY C 154 16.37 -21.56 -5.95
CA GLY C 154 15.64 -20.36 -5.55
C GLY C 154 16.51 -19.31 -4.86
N LEU C 155 17.39 -19.76 -3.96
CA LEU C 155 18.32 -18.87 -3.26
C LEU C 155 19.27 -18.15 -4.21
N LEU C 156 19.81 -18.88 -5.17
CA LEU C 156 20.72 -18.32 -6.17
C LEU C 156 20.03 -17.28 -7.03
N ASN C 157 18.78 -17.54 -7.42
CA ASN C 157 17.99 -16.58 -8.16
C ASN C 157 17.73 -15.31 -7.33
N HIS C 158 17.16 -15.50 -6.14
CA HIS C 158 16.90 -14.41 -5.19
C HIS C 158 18.15 -13.54 -4.93
N PHE C 159 19.24 -14.18 -4.49
CA PHE C 159 20.47 -13.45 -4.18
C PHE C 159 21.14 -12.77 -5.38
N ASN C 160 21.16 -13.42 -6.53
CA ASN C 160 21.68 -12.77 -7.74
C ASN C 160 20.87 -11.53 -8.10
N ALA C 161 19.56 -11.62 -7.98
CA ALA C 161 18.68 -10.48 -8.29
C ALA C 161 18.95 -9.26 -7.36
N VAL C 162 19.04 -9.49 -6.04
CA VAL C 162 19.29 -8.36 -5.12
C VAL C 162 20.73 -7.84 -5.21
N LEU C 163 21.69 -8.72 -5.48
CA LEU C 163 23.08 -8.31 -5.67
C LEU C 163 23.27 -7.41 -6.89
N ASN C 164 22.49 -7.65 -7.95
CA ASN C 164 22.50 -6.79 -9.14
C ASN C 164 22.07 -5.34 -8.88
N GLU C 165 21.35 -5.08 -7.78
CA GLU C 165 20.89 -3.73 -7.42
C GLU C 165 21.96 -2.82 -6.83
N GLY C 166 22.98 -3.40 -6.22
CA GLY C 166 24.06 -2.64 -5.60
C GLY C 166 24.73 -3.42 -4.49
N PRO C 167 25.74 -2.83 -3.86
CA PRO C 167 26.48 -3.54 -2.81
C PRO C 167 25.59 -4.16 -1.75
N ALA C 168 25.89 -5.40 -1.36
CA ALA C 168 25.07 -6.14 -0.41
C ALA C 168 25.90 -6.96 0.57
N VAL C 169 25.50 -6.91 1.84
CA VAL C 169 25.90 -7.85 2.86
C VAL C 169 24.85 -8.96 2.88
N VAL C 170 25.28 -10.22 2.89
CA VAL C 170 24.39 -11.37 2.88
C VAL C 170 24.26 -11.91 4.29
N TYR C 171 23.03 -12.07 4.76
CA TYR C 171 22.74 -12.25 6.20
C TYR C 171 22.23 -13.66 6.47
N ASN C 172 23.05 -14.43 7.20
CA ASN C 172 22.73 -15.82 7.55
C ASN C 172 22.46 -15.92 9.04
N VAL C 173 21.22 -16.26 9.37
CA VAL C 173 20.78 -16.39 10.75
C VAL C 173 19.66 -17.46 10.81
N PRO C 174 20.06 -18.74 10.69
CA PRO C 174 19.07 -19.83 10.64
C PRO C 174 18.22 -19.97 11.90
N GLY C 175 18.73 -19.56 13.05
CA GLY C 175 17.92 -19.54 14.28
C GLY C 175 16.68 -18.67 14.16
N ARG C 176 16.71 -17.68 13.27
CA ARG C 176 15.52 -16.88 12.93
C ARG C 176 14.78 -17.29 11.66
N THR C 177 15.50 -17.69 10.62
CA THR C 177 14.90 -17.87 9.31
C THR C 177 14.36 -19.27 9.07
N GLY C 178 14.87 -20.23 9.84
CA GLY C 178 14.61 -21.65 9.63
C GLY C 178 15.48 -22.27 8.55
N GLN C 179 16.43 -21.53 7.99
CA GLN C 179 17.26 -22.05 6.90
C GLN C 179 18.66 -21.47 6.90
N ASP C 180 19.64 -22.36 7.01
CA ASP C 180 21.04 -22.02 6.89
C ASP C 180 21.39 -21.81 5.43
N ILE C 181 22.07 -20.70 5.13
CA ILE C 181 22.58 -20.49 3.78
C ILE C 181 23.81 -21.37 3.63
N PRO C 182 23.76 -22.39 2.74
CA PRO C 182 24.88 -23.32 2.68
C PRO C 182 26.13 -22.71 2.01
N ASP C 183 27.29 -23.28 2.34
CA ASP C 183 28.57 -22.83 1.80
C ASP C 183 28.57 -22.79 0.26
N ASP C 184 27.99 -23.77 -0.42
CA ASP C 184 28.00 -23.78 -1.90
C ASP C 184 27.32 -22.59 -2.52
N VAL C 185 26.25 -22.11 -1.87
CA VAL C 185 25.59 -20.87 -2.30
C VAL C 185 26.53 -19.66 -2.09
N VAL C 186 27.09 -19.54 -0.89
CA VAL C 186 28.01 -18.45 -0.56
C VAL C 186 29.21 -18.45 -1.50
N MET C 187 29.84 -19.59 -1.73
CA MET C 187 31.03 -19.64 -2.65
C MET C 187 30.71 -19.26 -4.09
N GLU C 188 29.46 -19.40 -4.51
CA GLU C 188 29.04 -18.92 -5.82
C GLU C 188 28.76 -17.40 -5.81
N ILE C 189 27.92 -16.93 -4.88
CA ILE C 189 27.56 -15.50 -4.88
C ILE C 189 28.67 -14.58 -4.40
N CYS C 190 29.68 -15.10 -3.70
CA CYS C 190 30.80 -14.27 -3.22
C CYS C 190 31.65 -13.71 -4.36
N GLN C 191 31.51 -14.28 -5.56
CA GLN C 191 32.19 -13.81 -6.76
C GLN C 191 31.52 -12.60 -7.43
N HIS C 192 30.28 -12.29 -7.03
CA HIS C 192 29.58 -11.12 -7.54
C HIS C 192 30.32 -9.86 -7.14
N SER C 193 30.45 -8.91 -8.07
CA SER C 193 31.19 -7.68 -7.78
C SER C 193 30.55 -6.80 -6.68
N ASN C 194 29.24 -6.97 -6.43
CA ASN C 194 28.56 -6.26 -5.33
C ASN C 194 28.52 -7.02 -4.00
N PHE C 195 29.12 -8.20 -3.94
CA PHE C 195 29.17 -8.95 -2.70
C PHE C 195 30.15 -8.31 -1.73
N LEU C 196 29.64 -7.85 -0.59
CA LEU C 196 30.48 -7.22 0.44
C LEU C 196 31.01 -8.24 1.45
N GLY C 197 30.25 -9.30 1.68
CA GLY C 197 30.57 -10.28 2.73
C GLY C 197 29.32 -10.83 3.39
N MET C 198 29.51 -11.76 4.33
CA MET C 198 28.46 -12.31 5.16
C MET C 198 28.30 -11.56 6.49
N LYS C 199 27.04 -11.37 6.90
CA LYS C 199 26.74 -11.16 8.30
C LYS C 199 26.40 -12.56 8.79
N GLU C 200 27.38 -13.20 9.40
CA GLU C 200 27.27 -14.61 9.77
C GLU C 200 26.95 -14.75 11.24
N CYS C 201 25.90 -15.51 11.54
CA CYS C 201 25.46 -15.74 12.92
C CYS C 201 25.64 -17.18 13.42
N THR C 202 26.13 -18.10 12.58
CA THR C 202 26.33 -19.51 13.01
C THR C 202 27.66 -19.81 13.72
N GLY C 203 28.49 -18.79 13.95
CA GLY C 203 29.62 -18.91 14.87
C GLY C 203 31.00 -18.70 14.26
N ASN C 204 32.00 -18.65 15.14
CA ASN C 204 33.35 -18.33 14.74
C ASN C 204 34.03 -19.40 13.90
N SER C 205 33.65 -20.67 14.07
CA SER C 205 34.13 -21.75 13.20
C SER C 205 33.65 -21.59 11.76
N ARG C 206 32.38 -21.23 11.59
CA ARG C 206 31.84 -20.91 10.25
C ARG C 206 32.61 -19.75 9.63
N ILE C 207 32.80 -18.70 10.42
CA ILE C 207 33.55 -17.51 9.97
C ILE C 207 34.98 -17.85 9.56
N LYS C 208 35.67 -18.65 10.40
CA LYS C 208 37.05 -19.02 10.11
C LYS C 208 37.15 -19.78 8.79
N ASN C 209 36.25 -20.72 8.58
CA ASN C 209 36.23 -21.47 7.33
C ASN C 209 35.98 -20.55 6.12
N TYR C 210 35.02 -19.64 6.24
CA TYR C 210 34.76 -18.64 5.15
C TYR C 210 35.94 -17.73 4.89
N THR C 211 36.49 -17.12 5.96
CA THR C 211 37.59 -16.16 5.78
C THR C 211 38.85 -16.84 5.23
N SER C 212 39.12 -18.08 5.64
CA SER C 212 40.24 -18.85 5.10
C SER C 212 40.11 -19.10 3.59
N LYS C 213 38.87 -19.08 3.07
CA LYS C 213 38.62 -19.22 1.63
C LYS C 213 38.32 -17.88 0.91
N GLY C 214 38.68 -16.76 1.53
CA GLY C 214 38.57 -15.45 0.90
C GLY C 214 37.22 -14.76 0.99
N VAL C 215 36.30 -15.30 1.79
CA VAL C 215 34.97 -14.71 1.96
C VAL C 215 34.99 -13.78 3.16
N ASN C 216 34.80 -12.50 2.89
CA ASN C 216 34.76 -11.46 3.93
C ASN C 216 33.55 -11.70 4.86
N CYS C 217 33.76 -11.59 6.17
CA CYS C 217 32.70 -11.84 7.16
C CYS C 217 32.69 -10.81 8.25
N TRP C 218 31.48 -10.39 8.64
CA TRP C 218 31.22 -9.72 9.90
C TRP C 218 30.53 -10.71 10.80
N SER C 219 30.90 -10.73 12.08
CA SER C 219 30.14 -11.49 13.06
C SER C 219 28.86 -10.76 13.36
N GLY C 220 27.76 -11.53 13.42
CA GLY C 220 26.48 -11.02 13.90
C GLY C 220 26.22 -11.23 15.39
N ASN C 221 27.18 -11.81 16.12
CA ASN C 221 26.99 -12.16 17.53
C ASN C 221 28.02 -11.41 18.41
N ASP C 222 27.54 -10.42 19.15
CA ASP C 222 28.38 -9.60 20.02
C ASP C 222 29.32 -10.41 20.94
N ASP C 223 28.78 -11.44 21.59
CA ASP C 223 29.57 -12.29 22.51
C ASP C 223 30.66 -13.14 21.86
N GLU C 224 30.64 -13.25 20.53
CA GLU C 224 31.66 -13.93 19.74
C GLU C 224 32.57 -12.97 18.98
N SER C 225 32.20 -11.69 18.92
CA SER C 225 32.76 -10.77 17.91
C SER C 225 34.23 -10.44 18.13
N HIS C 226 34.64 -10.27 19.38
CA HIS C 226 36.06 -10.04 19.70
C HIS C 226 36.93 -11.14 19.12
N ASP C 227 36.60 -12.40 19.42
CA ASP C 227 37.38 -13.52 18.87
C ASP C 227 37.22 -13.72 17.37
N ALA C 228 36.06 -13.38 16.82
CA ALA C 228 35.84 -13.43 15.37
C ALA C 228 36.84 -12.51 14.66
N ARG C 229 36.93 -11.31 15.20
CA ARG C 229 37.80 -10.27 14.70
C ARG C 229 39.29 -10.60 14.87
N HIS C 230 39.68 -10.97 16.08
CA HIS C 230 41.10 -11.16 16.42
C HIS C 230 41.68 -12.53 16.10
N SER C 231 40.86 -13.59 16.07
CA SER C 231 41.36 -14.95 15.84
C SER C 231 40.75 -15.71 14.66
N ASN C 232 39.72 -15.17 14.00
CA ASN C 232 39.03 -15.93 12.94
C ASN C 232 38.89 -15.22 11.60
N GLY C 233 39.62 -14.12 11.41
CA GLY C 233 39.66 -13.43 10.13
C GLY C 233 38.47 -12.52 9.82
N ALA C 234 37.53 -12.34 10.76
CA ALA C 234 36.39 -11.44 10.53
C ALA C 234 36.91 -10.02 10.44
N VAL C 235 36.40 -9.25 9.48
CA VAL C 235 36.72 -7.82 9.42
C VAL C 235 36.21 -7.09 10.67
N GLY C 236 35.08 -7.53 11.21
CA GLY C 236 34.56 -6.97 12.45
C GLY C 236 33.18 -7.46 12.79
N VAL C 237 32.33 -6.54 13.25
CA VAL C 237 31.03 -6.88 13.85
C VAL C 237 29.89 -5.99 13.32
N ILE C 238 28.72 -6.59 13.15
CA ILE C 238 27.45 -5.89 12.97
C ILE C 238 26.69 -6.12 14.28
N SER C 239 26.57 -5.06 15.07
CA SER C 239 26.42 -5.18 16.52
C SER C 239 25.10 -4.65 17.03
N VAL C 240 24.60 -5.29 18.08
CA VAL C 240 23.46 -4.82 18.86
C VAL C 240 23.94 -3.95 20.01
N THR C 241 24.87 -4.49 20.78
CA THR C 241 25.36 -3.88 21.99
C THR C 241 26.02 -2.50 21.74
N SER C 242 26.60 -2.30 20.55
CA SER C 242 27.13 -0.99 20.14
C SER C 242 26.11 0.14 20.27
N ASN C 243 24.81 -0.16 20.15
CA ASN C 243 23.75 0.84 20.41
C ASN C 243 23.89 1.50 21.78
N VAL C 244 24.33 0.72 22.77
CA VAL C 244 24.45 1.14 24.18
C VAL C 244 25.87 1.65 24.51
N ILE C 245 26.89 0.90 24.10
CA ILE C 245 28.31 1.18 24.41
C ILE C 245 29.17 1.18 23.14
N PRO C 246 28.93 2.15 22.23
CA PRO C 246 29.62 2.12 20.94
C PRO C 246 31.15 2.23 21.04
N GLY C 247 31.65 3.08 21.97
CA GLY C 247 33.08 3.25 22.18
C GLY C 247 33.79 1.97 22.67
N LEU C 248 33.11 1.20 23.53
CA LEU C 248 33.65 -0.08 23.98
C LEU C 248 33.67 -1.14 22.89
N MET C 249 32.63 -1.16 22.04
CA MET C 249 32.64 -2.09 20.89
C MET C 249 33.71 -1.67 19.89
N HIS C 250 33.93 -0.37 19.75
CA HIS C 250 35.04 0.12 18.92
C HIS C 250 36.39 -0.40 19.43
N LYS C 251 36.61 -0.33 20.75
CA LYS C 251 37.84 -0.86 21.37
C LYS C 251 38.04 -2.35 21.09
N LEU C 252 36.97 -3.12 21.13
CA LEU C 252 37.03 -4.55 20.87
C LEU C 252 37.41 -4.91 19.43
N MET C 253 37.12 -4.00 18.50
CA MET C 253 37.36 -4.23 17.07
C MET C 253 38.69 -3.69 16.52
N HIS C 254 39.38 -2.83 17.26
CA HIS C 254 40.61 -2.18 16.73
C HIS C 254 41.82 -2.38 17.62
N GLY C 255 42.99 -2.55 16.99
CA GLY C 255 44.25 -2.68 17.70
C GLY C 255 44.46 -4.08 18.25
N SER C 256 45.11 -4.15 19.40
CA SER C 256 45.45 -5.42 20.00
C SER C 256 44.19 -6.08 20.58
N PRO C 257 44.21 -7.42 20.72
CA PRO C 257 43.20 -8.11 21.49
C PRO C 257 43.01 -7.42 22.85
N ASP C 258 41.78 -7.35 23.31
CA ASP C 258 41.47 -6.84 24.63
C ASP C 258 40.60 -7.85 25.36
N PRO C 259 41.21 -8.97 25.79
CA PRO C 259 40.43 -10.00 26.46
C PRO C 259 39.84 -9.57 27.82
N GLN C 260 40.47 -8.60 28.49
CA GLN C 260 39.89 -8.08 29.73
C GLN C 260 38.57 -7.36 29.48
N LEU C 261 38.53 -6.46 28.48
CA LEU C 261 37.29 -5.78 28.14
C LEU C 261 36.22 -6.80 27.70
N ASN C 262 36.61 -7.75 26.88
CA ASN C 262 35.70 -8.81 26.42
C ASN C 262 35.09 -9.56 27.61
N ALA C 263 35.93 -9.94 28.57
CA ALA C 263 35.46 -10.60 29.80
C ALA C 263 34.55 -9.69 30.63
N ASP C 264 34.91 -8.41 30.76
CA ASP C 264 34.12 -7.44 31.53
C ASP C 264 32.72 -7.19 30.95
N LEU C 265 32.56 -7.40 29.64
CA LEU C 265 31.29 -7.20 28.94
C LEU C 265 30.45 -8.46 28.78
N LYS C 266 30.94 -9.60 29.30
CA LYS C 266 30.29 -10.89 29.09
C LYS C 266 28.87 -10.96 29.66
N GLU C 267 28.72 -10.51 30.92
CA GLU C 267 27.41 -10.52 31.57
C GLU C 267 26.43 -9.59 30.89
N LEU C 268 26.87 -8.38 30.54
CA LEU C 268 26.02 -7.44 29.82
C LEU C 268 25.58 -8.03 28.48
N MET C 269 26.53 -8.61 27.73
CA MET C 269 26.21 -9.20 26.42
C MET C 269 25.19 -10.33 26.54
N ALA C 270 25.30 -11.18 27.56
CA ALA C 270 24.30 -12.23 27.80
C ALA C 270 22.93 -11.62 28.14
N TRP C 271 22.91 -10.59 28.99
CA TRP C 271 21.66 -9.91 29.37
C TRP C 271 20.95 -9.26 28.17
N MET C 272 21.74 -8.74 27.23
CA MET C 272 21.20 -8.19 25.97
C MET C 272 20.43 -9.21 25.12
N PHE C 273 20.59 -10.50 25.39
CA PHE C 273 19.87 -11.56 24.67
C PHE C 273 19.11 -12.50 25.61
N CYS C 274 18.77 -12.05 26.82
CA CYS C 274 18.03 -12.93 27.74
C CYS C 274 16.57 -13.13 27.29
N GLU C 275 16.03 -12.15 26.57
CA GLU C 275 14.86 -12.36 25.70
C GLU C 275 15.33 -12.04 24.29
N PRO C 276 14.58 -12.49 23.26
CA PRO C 276 15.08 -12.25 21.90
C PRO C 276 15.29 -10.77 21.57
N ASN C 277 16.42 -10.48 20.94
CA ASN C 277 16.74 -9.15 20.45
C ASN C 277 15.62 -8.68 19.50
N PRO C 278 15.11 -7.44 19.62
CA PRO C 278 15.65 -6.33 20.44
C PRO C 278 14.93 -6.03 21.76
N ILE C 279 14.39 -7.03 22.43
CA ILE C 279 13.65 -6.78 23.69
C ILE C 279 14.55 -6.11 24.75
N SER C 280 15.73 -6.67 24.97
CA SER C 280 16.65 -6.10 25.98
C SER C 280 17.13 -4.71 25.57
N LEU C 281 17.52 -4.58 24.30
CA LEU C 281 17.96 -3.29 23.78
C LEU C 281 16.90 -2.21 24.00
N ASN C 282 15.66 -2.48 23.57
CA ASN C 282 14.56 -1.53 23.73
C ASN C 282 14.34 -1.16 25.21
N THR C 283 14.46 -2.15 26.09
CA THR C 283 14.27 -1.94 27.51
C THR C 283 15.43 -1.09 28.04
N ALA C 284 16.66 -1.46 27.64
CA ALA C 284 17.87 -0.76 28.08
C ALA C 284 17.89 0.73 27.72
N LEU C 285 17.57 1.04 26.47
CA LEU C 285 17.57 2.44 26.03
C LEU C 285 16.53 3.27 26.80
N ALA C 286 15.39 2.68 27.13
CA ALA C 286 14.39 3.36 27.96
C ALA C 286 14.92 3.60 29.39
N MET C 287 15.54 2.56 29.96
CA MET C 287 16.16 2.62 31.29
C MET C 287 17.25 3.69 31.42
N CYS C 288 17.99 3.91 30.34
CA CYS C 288 19.05 4.93 30.29
C CYS C 288 18.60 6.32 29.82
N GLY C 289 17.30 6.50 29.59
CA GLY C 289 16.76 7.79 29.12
C GLY C 289 17.12 8.14 27.69
N LEU C 290 17.47 7.14 26.87
CA LEU C 290 17.91 7.37 25.48
C LEU C 290 16.85 7.08 24.41
N ALA C 291 15.74 6.45 24.81
CA ALA C 291 14.54 6.28 23.95
C ALA C 291 13.32 6.19 24.85
N ARG C 292 12.15 6.50 24.32
CA ARG C 292 10.93 6.40 25.11
C ARG C 292 10.57 4.93 25.34
N PRO C 293 9.87 4.62 26.46
CA PRO C 293 9.52 3.23 26.78
C PRO C 293 8.34 2.72 25.94
N VAL C 294 8.51 2.72 24.63
CA VAL C 294 7.42 2.42 23.70
C VAL C 294 7.85 1.24 22.85
N PHE C 295 6.98 0.22 22.77
CA PHE C 295 7.23 -1.01 22.03
C PHE C 295 6.15 -1.18 20.97
N ARG C 296 6.55 -1.52 19.74
CA ARG C 296 5.61 -2.05 18.75
C ARG C 296 5.46 -3.55 18.99
N LEU C 297 4.22 -4.02 19.10
CA LEU C 297 3.95 -5.44 19.29
C LEU C 297 4.39 -6.24 18.03
N PRO C 298 4.89 -7.47 18.19
CA PRO C 298 4.75 -8.31 19.37
C PRO C 298 5.85 -8.23 20.45
N TYR C 299 6.70 -7.22 20.40
CA TYR C 299 7.72 -7.04 21.44
C TYR C 299 7.12 -6.38 22.66
N VAL C 300 7.53 -6.85 23.83
CA VAL C 300 7.15 -6.26 25.13
C VAL C 300 8.42 -6.21 25.99
N PRO C 301 8.45 -5.32 27.01
CA PRO C 301 9.70 -5.15 27.76
C PRO C 301 10.08 -6.33 28.63
N LEU C 302 11.33 -6.33 29.05
CA LEU C 302 11.80 -7.26 30.07
C LEU C 302 10.98 -7.09 31.35
N SER C 303 10.95 -8.13 32.17
CA SER C 303 10.24 -8.08 33.46
C SER C 303 10.98 -7.16 34.43
N ARG C 304 10.31 -6.76 35.50
CA ARG C 304 10.91 -5.97 36.57
C ARG C 304 12.20 -6.60 37.10
N ALA C 305 12.16 -7.90 37.39
CA ALA C 305 13.35 -8.60 37.89
C ALA C 305 14.53 -8.59 36.90
N GLN C 306 14.24 -8.75 35.61
CA GLN C 306 15.28 -8.68 34.58
C GLN C 306 15.86 -7.27 34.44
N ARG C 307 15.02 -6.25 34.61
CA ARG C 307 15.47 -4.86 34.59
C ARG C 307 16.38 -4.54 35.79
N GLU C 308 16.08 -5.13 36.96
CA GLU C 308 16.93 -4.97 38.16
C GLU C 308 18.34 -5.49 37.91
N LYS C 309 18.42 -6.70 37.36
CA LYS C 309 19.72 -7.28 37.01
C LYS C 309 20.43 -6.41 35.98
N GLY C 310 19.70 -5.98 34.96
CA GLY C 310 20.24 -5.10 33.92
C GLY C 310 20.80 -3.74 34.41
N ALA C 311 20.11 -3.11 35.35
CA ALA C 311 20.55 -1.80 35.87
C ALA C 311 21.96 -1.85 36.47
N VAL C 312 22.23 -2.94 37.19
CA VAL C 312 23.55 -3.18 37.78
C VAL C 312 24.61 -3.26 36.67
N LEU C 313 24.30 -4.01 35.61
CA LEU C 313 25.25 -4.20 34.50
C LEU C 313 25.47 -2.93 33.71
N LEU C 314 24.40 -2.17 33.50
CA LEU C 314 24.47 -0.88 32.80
C LEU C 314 25.22 0.18 33.61
N ASN C 315 24.95 0.24 34.93
CA ASN C 315 25.69 1.14 35.84
C ASN C 315 27.21 0.95 35.78
N LYS C 316 27.68 -0.30 35.71
CA LYS C 316 29.11 -0.61 35.54
C LYS C 316 29.78 0.05 34.32
N VAL C 317 29.02 0.28 33.25
CA VAL C 317 29.55 0.89 32.02
C VAL C 317 28.92 2.25 31.70
N GLN C 318 28.30 2.92 32.70
CA GLN C 318 27.55 4.15 32.44
C GLN C 318 28.35 5.26 31.75
N GLU C 319 29.63 5.40 32.11
CA GLU C 319 30.46 6.44 31.47
C GLU C 319 30.67 6.20 29.97
N HIS C 320 30.47 4.96 29.52
CA HIS C 320 30.57 4.60 28.10
C HIS C 320 29.22 4.51 27.38
N ILE C 321 28.13 4.92 28.04
CA ILE C 321 26.80 5.02 27.43
C ILE C 321 26.60 6.51 27.06
N PRO C 322 26.80 6.88 25.78
CA PRO C 322 26.76 8.31 25.46
C PRO C 322 25.39 8.95 25.70
N GLY C 323 25.40 10.10 26.38
CA GLY C 323 24.21 10.85 26.72
C GLY C 323 23.39 10.28 27.85
N CYS C 324 23.87 9.20 28.49
CA CYS C 324 23.07 8.45 29.45
C CYS C 324 22.70 9.27 30.67
N LYS C 325 21.40 9.37 30.94
CA LYS C 325 20.88 9.94 32.18
C LYS C 325 21.25 9.02 33.34
N SER C 326 20.55 9.11 34.46
CA SER C 326 20.56 8.00 35.41
C SER C 326 20.18 6.73 34.65
N VAL C 327 20.53 5.59 35.24
CA VAL C 327 19.97 4.30 34.87
C VAL C 327 18.86 4.00 35.88
N ARG C 328 17.64 3.84 35.36
CA ARG C 328 16.46 3.60 36.19
C ARG C 328 15.99 2.20 35.89
N VAL C 329 15.55 1.47 36.93
CA VAL C 329 14.97 0.14 36.75
C VAL C 329 13.65 0.28 36.00
N MET C 330 12.88 1.32 36.34
CA MET C 330 11.54 1.62 35.80
C MET C 330 10.47 0.70 36.33
N GLU C 331 9.23 1.21 36.36
CA GLU C 331 8.06 0.44 36.79
C GLU C 331 7.32 -0.07 35.57
N ASP C 332 6.64 -1.21 35.73
CA ASP C 332 5.93 -1.88 34.64
C ASP C 332 4.93 -0.97 33.91
N HIS C 333 4.23 -0.10 34.66
CA HIS C 333 3.22 0.80 34.09
C HIS C 333 3.76 1.90 33.18
N GLU C 334 5.05 2.18 33.24
CA GLU C 334 5.67 3.20 32.39
C GLU C 334 5.76 2.79 30.91
N PHE C 335 5.71 1.50 30.63
CA PHE C 335 5.88 1.00 29.27
C PHE C 335 4.56 1.05 28.49
N ILE C 336 4.67 1.44 27.22
CA ILE C 336 3.53 1.63 26.33
C ILE C 336 3.69 0.62 25.19
N LEU C 337 2.63 -0.17 24.96
CA LEU C 337 2.62 -1.19 23.92
C LEU C 337 1.68 -0.68 22.84
N VAL C 338 2.16 -0.64 21.60
CA VAL C 338 1.39 -0.17 20.45
C VAL C 338 1.15 -1.35 19.50
N GLY C 339 -0.12 -1.66 19.22
CA GLY C 339 -0.47 -2.69 18.28
C GLY C 339 -1.94 -2.84 18.03
N SER D 35 -21.11 -22.30 18.88
CA SER D 35 -21.85 -23.05 17.82
C SER D 35 -21.03 -23.08 16.53
N THR D 36 -20.65 -21.90 16.05
CA THR D 36 -19.70 -21.80 14.93
C THR D 36 -18.35 -22.40 15.35
N VAL D 37 -17.90 -22.06 16.56
CA VAL D 37 -16.69 -22.63 17.11
C VAL D 37 -16.77 -24.17 17.15
N ASP D 38 -17.85 -24.69 17.72
CA ASP D 38 -18.03 -26.15 17.86
C ASP D 38 -18.05 -26.89 16.54
N ARG D 39 -18.70 -26.32 15.53
CA ARG D 39 -18.75 -26.92 14.19
C ARG D 39 -17.37 -26.96 13.53
N LEU D 40 -16.66 -25.83 13.60
CA LEU D 40 -15.33 -25.72 12.98
C LEU D 40 -14.31 -26.66 13.61
N LYS D 41 -14.42 -26.84 14.92
CA LYS D 41 -13.53 -27.75 15.65
C LYS D 41 -13.60 -29.20 15.20
N LYS D 42 -14.71 -29.59 14.59
CA LYS D 42 -14.93 -30.97 14.14
C LYS D 42 -14.53 -31.26 12.70
N LEU D 43 -14.07 -30.26 11.94
CA LEU D 43 -13.70 -30.49 10.55
C LEU D 43 -12.44 -31.33 10.49
N ARG D 44 -12.45 -32.41 9.70
CA ARG D 44 -11.34 -33.36 9.62
C ARG D 44 -10.42 -33.15 8.44
N LEU D 45 -10.91 -32.60 7.33
CA LEU D 45 -10.08 -32.40 6.13
C LEU D 45 -10.19 -30.93 5.68
N ILE D 46 -9.10 -30.20 5.90
CA ILE D 46 -8.96 -28.82 5.48
C ILE D 46 -7.80 -28.81 4.48
N THR D 47 -7.98 -28.17 3.34
CA THR D 47 -6.91 -28.04 2.36
C THR D 47 -6.27 -26.66 2.45
N ALA D 48 -4.94 -26.62 2.55
CA ALA D 48 -4.22 -25.38 2.41
C ALA D 48 -4.08 -25.16 0.91
N ILE D 49 -5.06 -24.44 0.36
CA ILE D 49 -5.26 -24.36 -1.08
C ILE D 49 -4.11 -23.60 -1.77
N LYS D 50 -3.67 -24.14 -2.90
CA LYS D 50 -2.65 -23.55 -3.75
C LYS D 50 -3.25 -22.29 -4.39
N THR D 51 -2.40 -21.29 -4.60
CA THR D 51 -2.80 -20.06 -5.28
C THR D 51 -2.21 -20.08 -6.69
N PRO D 52 -3.03 -20.37 -7.71
CA PRO D 52 -2.49 -20.45 -9.07
C PRO D 52 -2.35 -19.08 -9.71
N TYR D 53 -1.42 -18.95 -10.66
CA TYR D 53 -1.05 -17.68 -11.27
C TYR D 53 -1.23 -17.66 -12.79
N LEU D 54 -1.58 -16.49 -13.31
CA LEU D 54 -1.52 -16.21 -14.74
C LEU D 54 -0.07 -16.02 -15.16
N ALA D 55 0.19 -15.99 -16.47
CA ALA D 55 1.55 -15.77 -17.00
C ALA D 55 2.24 -14.54 -16.40
N ASN D 56 1.47 -13.46 -16.20
CA ASN D 56 2.00 -12.22 -15.64
C ASN D 56 2.16 -12.23 -14.10
N GLY D 57 1.85 -13.35 -13.43
CA GLY D 57 2.02 -13.48 -11.98
C GLY D 57 0.81 -13.13 -11.14
N LYS D 58 -0.20 -12.51 -11.73
CA LYS D 58 -1.46 -12.24 -11.01
C LYS D 58 -2.25 -13.53 -10.80
N PHE D 59 -3.21 -13.49 -9.89
CA PHE D 59 -4.00 -14.68 -9.57
C PHE D 59 -4.82 -15.15 -10.78
N ASP D 60 -4.86 -16.47 -10.96
CA ASP D 60 -5.64 -17.13 -11.99
C ASP D 60 -6.88 -17.67 -11.30
N LEU D 61 -7.93 -16.84 -11.22
CA LEU D 61 -9.15 -17.21 -10.52
C LEU D 61 -9.94 -18.34 -11.20
N PRO D 62 -9.93 -18.42 -12.56
CA PRO D 62 -10.54 -19.61 -13.16
C PRO D 62 -9.89 -20.92 -12.72
N ALA D 63 -8.56 -20.97 -12.68
CA ALA D 63 -7.87 -22.17 -12.19
C ALA D 63 -8.14 -22.43 -10.71
N TYR D 64 -8.15 -21.36 -9.92
CA TYR D 64 -8.43 -21.45 -8.47
C TYR D 64 -9.81 -22.01 -8.24
N ASP D 65 -10.80 -21.47 -8.96
CA ASP D 65 -12.22 -21.90 -8.77
C ASP D 65 -12.43 -23.35 -9.22
N ALA D 66 -11.81 -23.76 -10.32
CA ALA D 66 -11.88 -25.16 -10.76
C ALA D 66 -11.27 -26.10 -9.70
N LEU D 67 -10.12 -25.68 -9.14
CA LEU D 67 -9.47 -26.45 -8.09
C LEU D 67 -10.36 -26.58 -6.86
N VAL D 68 -10.94 -25.47 -6.40
CA VAL D 68 -11.77 -25.45 -5.20
C VAL D 68 -13.03 -26.32 -5.40
N SER D 69 -13.68 -26.19 -6.55
CA SER D 69 -14.87 -27.00 -6.83
C SER D 69 -14.54 -28.48 -6.75
N HIS D 70 -13.40 -28.89 -7.34
CA HIS D 70 -12.99 -30.28 -7.25
C HIS D 70 -12.69 -30.70 -5.80
N GLN D 71 -12.12 -29.81 -4.99
CA GLN D 71 -11.89 -30.08 -3.57
C GLN D 71 -13.22 -30.39 -2.86
N ILE D 72 -14.19 -29.51 -3.05
CA ILE D 72 -15.49 -29.62 -2.37
C ILE D 72 -16.25 -30.89 -2.81
N GLU D 73 -16.23 -31.21 -4.09
CA GLU D 73 -16.86 -32.47 -4.60
C GLU D 73 -16.18 -33.74 -4.07
N ASN D 74 -14.95 -33.62 -3.55
CA ASN D 74 -14.22 -34.74 -2.98
C ASN D 74 -14.17 -34.75 -1.45
N GLY D 75 -15.07 -34.02 -0.80
CA GLY D 75 -15.26 -34.10 0.63
C GLY D 75 -14.46 -33.14 1.50
N VAL D 76 -13.70 -32.23 0.88
CA VAL D 76 -12.92 -31.25 1.65
C VAL D 76 -13.89 -30.33 2.36
N GLU D 77 -13.69 -30.15 3.67
CA GLU D 77 -14.63 -29.43 4.52
C GLU D 77 -14.23 -27.98 4.79
N GLY D 78 -12.97 -27.63 4.51
CA GLY D 78 -12.50 -26.27 4.69
C GLY D 78 -11.24 -25.96 3.89
N LEU D 79 -10.94 -24.67 3.76
CA LEU D 79 -9.79 -24.17 3.03
C LEU D 79 -9.03 -23.17 3.90
N ILE D 80 -7.70 -23.27 3.88
CA ILE D 80 -6.83 -22.18 4.34
C ILE D 80 -6.54 -21.37 3.10
N VAL D 81 -6.93 -20.10 3.11
CA VAL D 81 -6.70 -19.21 1.96
C VAL D 81 -5.45 -18.37 2.20
N GLY D 82 -4.46 -18.53 1.32
CA GLY D 82 -3.19 -17.84 1.45
C GLY D 82 -2.38 -18.29 2.65
N GLY D 83 -2.42 -19.59 2.93
CA GLY D 83 -1.54 -20.18 3.94
C GLY D 83 -0.13 -20.29 3.37
N THR D 84 0.74 -21.03 4.08
CA THR D 84 2.09 -21.23 3.60
C THR D 84 2.06 -21.83 2.18
N THR D 85 1.28 -22.90 2.03
CA THR D 85 1.08 -23.61 0.75
C THR D 85 0.50 -22.71 -0.34
N GLY D 86 -0.40 -21.82 0.09
CA GLY D 86 -0.97 -20.80 -0.79
C GLY D 86 -0.16 -19.55 -1.01
N GLU D 87 1.06 -19.51 -0.47
CA GLU D 87 1.99 -18.40 -0.71
C GLU D 87 1.41 -17.04 -0.27
N GLY D 88 0.78 -17.04 0.90
CA GLY D 88 0.22 -15.82 1.49
C GLY D 88 1.25 -14.74 1.74
N HIS D 89 2.43 -15.18 2.17
CA HIS D 89 3.62 -14.32 2.35
C HIS D 89 4.18 -13.67 1.07
N LEU D 90 3.77 -14.15 -0.11
CA LEU D 90 4.13 -13.51 -1.40
C LEU D 90 3.02 -12.61 -1.98
N MET D 91 1.91 -12.44 -1.24
CA MET D 91 0.79 -11.60 -1.67
C MET D 91 0.87 -10.22 -1.06
N SER D 92 0.35 -9.20 -1.76
CA SER D 92 -0.01 -7.94 -1.11
C SER D 92 -1.34 -8.16 -0.38
N TRP D 93 -1.61 -7.36 0.64
CA TRP D 93 -2.83 -7.58 1.42
C TRP D 93 -4.08 -7.41 0.57
N ASP D 94 -4.11 -6.44 -0.36
CA ASP D 94 -5.32 -6.25 -1.16
C ASP D 94 -5.69 -7.46 -2.03
N GLU D 95 -4.70 -8.10 -2.66
CA GLU D 95 -5.01 -9.34 -3.38
C GLU D 95 -5.40 -10.50 -2.43
N HIS D 96 -4.83 -10.53 -1.24
CA HIS D 96 -5.13 -11.59 -0.26
C HIS D 96 -6.57 -11.44 0.24
N VAL D 97 -6.98 -10.23 0.62
CA VAL D 97 -8.36 -10.00 1.07
C VAL D 97 -9.36 -10.24 -0.07
N MET D 98 -8.98 -9.86 -1.28
CA MET D 98 -9.76 -10.18 -2.45
C MET D 98 -9.97 -11.70 -2.61
N LEU D 99 -8.90 -12.47 -2.48
CA LEU D 99 -8.99 -13.94 -2.59
C LEU D 99 -9.85 -14.54 -1.49
N ILE D 100 -9.71 -14.04 -0.25
CA ILE D 100 -10.55 -14.50 0.85
C ILE D 100 -12.01 -14.16 0.55
N ALA D 101 -12.28 -12.89 0.17
CA ALA D 101 -13.63 -12.43 -0.14
C ALA D 101 -14.27 -13.22 -1.25
N HIS D 102 -13.51 -13.42 -2.33
CA HIS D 102 -13.95 -14.22 -3.49
C HIS D 102 -14.33 -15.62 -3.07
N THR D 103 -13.49 -16.24 -2.23
CA THR D 103 -13.73 -17.61 -1.76
C THR D 103 -15.01 -17.69 -0.91
N VAL D 104 -15.20 -16.72 -0.01
CA VAL D 104 -16.43 -16.65 0.79
C VAL D 104 -17.66 -16.54 -0.12
N ASN D 105 -17.62 -15.59 -1.07
CA ASN D 105 -18.78 -15.30 -1.91
C ASN D 105 -19.13 -16.45 -2.85
N ALA D 106 -18.12 -17.09 -3.44
CA ALA D 106 -18.38 -18.21 -4.36
C ALA D 106 -18.60 -19.56 -3.66
N PHE D 107 -17.97 -19.80 -2.50
CA PHE D 107 -17.94 -21.13 -1.88
C PHE D 107 -18.26 -21.20 -0.38
N GLY D 108 -18.50 -20.07 0.27
CA GLY D 108 -18.62 -20.02 1.74
C GLY D 108 -19.82 -20.71 2.35
N ASP D 109 -20.84 -20.97 1.54
CA ASP D 109 -21.95 -21.85 1.97
C ASP D 109 -21.65 -23.34 1.82
N LYS D 110 -20.59 -23.69 1.07
CA LYS D 110 -20.24 -25.09 0.80
C LYS D 110 -18.97 -25.59 1.50
N THR D 111 -18.17 -24.68 2.04
CA THR D 111 -16.93 -25.01 2.70
C THR D 111 -16.59 -23.94 3.72
N ALA D 112 -15.88 -24.33 4.77
CA ALA D 112 -15.32 -23.37 5.74
C ALA D 112 -14.14 -22.61 5.10
N VAL D 113 -14.11 -21.29 5.29
CA VAL D 113 -13.11 -20.42 4.68
C VAL D 113 -12.31 -19.85 5.84
N ILE D 114 -11.06 -20.26 5.90
CA ILE D 114 -10.11 -19.88 6.96
C ILE D 114 -9.02 -19.03 6.32
N GLY D 115 -9.06 -17.74 6.58
CA GLY D 115 -8.07 -16.84 6.01
C GLY D 115 -6.80 -16.89 6.82
N ASN D 116 -5.66 -17.09 6.15
CA ASN D 116 -4.38 -17.01 6.82
C ASN D 116 -3.99 -15.55 6.93
N THR D 117 -4.42 -14.91 8.02
CA THR D 117 -4.27 -13.49 8.22
C THR D 117 -3.26 -13.18 9.33
N GLY D 118 -2.51 -14.18 9.77
CA GLY D 118 -1.48 -13.96 10.79
C GLY D 118 -0.24 -13.31 10.24
N SER D 119 0.61 -12.83 11.14
CA SER D 119 1.84 -12.11 10.76
C SER D 119 2.79 -12.04 11.91
N ASN D 120 4.05 -11.73 11.62
CA ASN D 120 5.04 -11.43 12.68
C ASN D 120 4.91 -10.00 13.22
N SER D 121 4.08 -9.19 12.55
CA SER D 121 3.70 -7.86 13.00
C SER D 121 2.28 -7.92 13.55
N THR D 122 2.13 -7.55 14.82
CA THR D 122 0.83 -7.60 15.48
C THR D 122 -0.17 -6.65 14.83
N ARG D 123 0.25 -5.43 14.48
CA ARG D 123 -0.66 -4.51 13.79
C ARG D 123 -1.11 -5.05 12.43
N GLU D 124 -0.19 -5.63 11.68
CA GLU D 124 -0.50 -6.24 10.39
C GLU D 124 -1.48 -7.42 10.57
N ALA D 125 -1.25 -8.27 11.56
CA ALA D 125 -2.14 -9.38 11.84
C ALA D 125 -3.54 -8.92 12.20
N LEU D 126 -3.63 -7.90 13.05
CA LEU D 126 -4.93 -7.37 13.49
C LEU D 126 -5.69 -6.71 12.34
N HIS D 127 -4.98 -5.92 11.53
CA HIS D 127 -5.58 -5.27 10.36
C HIS D 127 -6.14 -6.32 9.37
N ALA D 128 -5.32 -7.30 9.02
CA ALA D 128 -5.72 -8.33 8.05
C ALA D 128 -6.82 -9.25 8.59
N THR D 129 -6.72 -9.62 9.86
CA THR D 129 -7.66 -10.52 10.47
C THR D 129 -9.04 -9.87 10.59
N GLU D 130 -9.06 -8.60 10.99
CA GLU D 130 -10.32 -7.85 11.09
C GLU D 130 -11.02 -7.72 9.74
N GLN D 131 -10.26 -7.35 8.71
CA GLN D 131 -10.82 -7.23 7.38
C GLN D 131 -11.27 -8.57 6.83
N GLY D 132 -10.51 -9.62 7.14
CA GLY D 132 -10.88 -10.99 6.75
C GLY D 132 -12.24 -11.41 7.30
N PHE D 133 -12.46 -11.17 8.59
CA PHE D 133 -13.76 -11.44 9.22
C PHE D 133 -14.87 -10.55 8.67
N ALA D 134 -14.55 -9.29 8.37
CA ALA D 134 -15.51 -8.35 7.78
C ALA D 134 -16.03 -8.80 6.42
N VAL D 135 -15.20 -9.50 5.63
CA VAL D 135 -15.67 -10.09 4.35
C VAL D 135 -16.30 -11.48 4.47
N GLY D 136 -16.47 -11.96 5.71
CA GLY D 136 -17.23 -13.17 5.99
C GLY D 136 -16.45 -14.48 6.14
N MET D 137 -15.12 -14.43 6.29
CA MET D 137 -14.37 -15.67 6.54
C MET D 137 -14.82 -16.25 7.89
N HIS D 138 -14.76 -17.57 8.01
CA HIS D 138 -15.29 -18.25 9.22
C HIS D 138 -14.29 -18.27 10.37
N ALA D 139 -13.01 -18.26 10.03
CA ALA D 139 -11.94 -18.30 11.02
C ALA D 139 -10.63 -17.77 10.44
N SER D 140 -9.66 -17.56 11.31
CA SER D 140 -8.29 -17.25 10.89
C SER D 140 -7.31 -18.36 11.23
N LEU D 141 -6.20 -18.37 10.51
CA LEU D 141 -5.01 -19.16 10.88
C LEU D 141 -3.96 -18.16 11.38
N GLN D 142 -3.38 -18.45 12.55
CA GLN D 142 -2.52 -17.49 13.25
C GLN D 142 -1.20 -18.16 13.66
N ILE D 143 -0.18 -17.92 12.85
CA ILE D 143 1.19 -18.33 13.16
C ILE D 143 1.78 -17.44 14.28
N ASN D 144 2.73 -17.98 15.04
CA ASN D 144 3.53 -17.15 15.96
C ASN D 144 4.49 -16.26 15.13
N PRO D 145 4.93 -15.12 15.70
CA PRO D 145 5.84 -14.27 14.93
C PRO D 145 7.15 -14.95 14.52
N TYR D 146 7.22 -15.27 13.24
CA TYR D 146 8.41 -15.85 12.59
C TYR D 146 9.45 -14.78 12.37
N TYR D 147 10.72 -15.21 12.40
CA TYR D 147 11.86 -14.36 12.13
C TYR D 147 12.10 -13.35 13.24
N GLY D 148 11.18 -12.39 13.41
CA GLY D 148 11.21 -11.46 14.54
C GLY D 148 10.63 -12.08 15.79
N LYS D 149 11.36 -13.04 16.33
CA LYS D 149 10.90 -13.86 17.46
C LYS D 149 10.73 -13.01 18.70
N THR D 150 9.69 -13.30 19.48
CA THR D 150 9.42 -12.56 20.71
C THR D 150 9.47 -13.46 21.95
N SER D 151 9.28 -12.84 23.12
CA SER D 151 9.27 -13.54 24.39
C SER D 151 7.96 -14.29 24.58
N LYS D 152 7.90 -15.11 25.64
CA LYS D 152 6.65 -15.74 26.06
C LYS D 152 5.55 -14.72 26.33
N ALA D 153 5.88 -13.65 27.05
CA ALA D 153 4.90 -12.57 27.31
C ALA D 153 4.42 -11.95 25.98
N GLY D 154 5.32 -11.75 25.02
CA GLY D 154 4.97 -11.25 23.69
C GLY D 154 3.99 -12.16 22.93
N LEU D 155 4.24 -13.48 23.00
CA LEU D 155 3.38 -14.45 22.35
C LEU D 155 1.96 -14.44 22.91
N LEU D 156 1.85 -14.37 24.24
CA LEU D 156 0.54 -14.31 24.90
C LEU D 156 -0.23 -13.04 24.53
N ASN D 157 0.48 -11.92 24.44
CA ASN D 157 -0.14 -10.67 24.01
C ASN D 157 -0.62 -10.76 22.55
N HIS D 158 0.29 -11.13 21.65
CA HIS D 158 -0.02 -11.33 20.23
C HIS D 158 -1.21 -12.27 20.01
N PHE D 159 -1.12 -13.48 20.56
CA PHE D 159 -2.21 -14.46 20.40
C PHE D 159 -3.54 -14.08 21.04
N ASN D 160 -3.52 -13.48 22.22
CA ASN D 160 -4.77 -12.97 22.81
C ASN D 160 -5.43 -11.91 21.93
N ALA D 161 -4.62 -11.01 21.37
CA ALA D 161 -5.12 -9.96 20.49
C ALA D 161 -5.81 -10.53 19.22
N VAL D 162 -5.16 -11.48 18.54
CA VAL D 162 -5.77 -12.05 17.31
C VAL D 162 -6.96 -12.97 17.63
N LEU D 163 -6.90 -13.68 18.76
CA LEU D 163 -8.01 -14.52 19.18
C LEU D 163 -9.27 -13.72 19.50
N ASN D 164 -9.10 -12.50 20.01
CA ASN D 164 -10.25 -11.58 20.25
C ASN D 164 -11.01 -11.18 18.97
N GLU D 165 -10.38 -11.31 17.79
CA GLU D 165 -11.01 -10.95 16.51
C GLU D 165 -12.02 -11.98 15.99
N GLY D 166 -11.88 -13.23 16.40
CA GLY D 166 -12.78 -14.30 15.95
C GLY D 166 -12.08 -15.66 16.01
N PRO D 167 -12.81 -16.72 15.65
CA PRO D 167 -12.25 -18.06 15.73
C PRO D 167 -10.87 -18.20 15.04
N ALA D 168 -9.93 -18.88 15.72
CA ALA D 168 -8.58 -19.00 15.22
C ALA D 168 -7.98 -20.39 15.45
N VAL D 169 -7.31 -20.88 14.41
CA VAL D 169 -6.40 -22.01 14.50
C VAL D 169 -5.00 -21.43 14.75
N VAL D 170 -4.27 -21.98 15.73
CA VAL D 170 -2.94 -21.50 16.09
C VAL D 170 -1.90 -22.42 15.44
N TYR D 171 -0.96 -21.82 14.72
CA TYR D 171 -0.10 -22.56 13.79
C TYR D 171 1.35 -22.60 14.29
N ASN D 172 1.81 -23.81 14.64
CA ASN D 172 3.15 -24.03 15.15
C ASN D 172 3.97 -24.81 14.13
N VAL D 173 5.01 -24.16 13.61
CA VAL D 173 5.89 -24.77 12.61
C VAL D 173 7.30 -24.18 12.78
N PRO D 174 8.01 -24.62 13.85
CA PRO D 174 9.31 -24.02 14.17
C PRO D 174 10.38 -24.22 13.10
N GLY D 175 10.28 -25.29 12.28
CA GLY D 175 11.19 -25.47 11.17
C GLY D 175 11.18 -24.31 10.18
N ARG D 176 10.06 -23.58 10.13
CA ARG D 176 9.93 -22.36 9.34
C ARG D 176 10.07 -21.05 10.12
N THR D 177 9.58 -21.00 11.35
CA THR D 177 9.47 -19.73 12.07
C THR D 177 10.71 -19.41 12.89
N GLY D 178 11.49 -20.44 13.22
CA GLY D 178 12.61 -20.35 14.14
C GLY D 178 12.20 -20.41 15.60
N GLN D 179 10.92 -20.65 15.89
CA GLN D 179 10.45 -20.64 17.27
C GLN D 179 9.28 -21.59 17.48
N ASP D 180 9.49 -22.55 18.37
CA ASP D 180 8.47 -23.47 18.79
C ASP D 180 7.55 -22.77 19.78
N ILE D 181 6.24 -22.88 19.57
CA ILE D 181 5.27 -22.38 20.53
C ILE D 181 5.26 -23.40 21.69
N PRO D 182 5.70 -22.99 22.90
CA PRO D 182 5.81 -23.96 23.97
C PRO D 182 4.46 -24.41 24.54
N ASP D 183 4.44 -25.60 25.13
CA ASP D 183 3.23 -26.16 25.75
C ASP D 183 2.54 -25.19 26.71
N ASP D 184 3.31 -24.51 27.56
CA ASP D 184 2.72 -23.60 28.56
C ASP D 184 1.94 -22.46 27.95
N VAL D 185 2.40 -21.98 26.79
CA VAL D 185 1.65 -20.96 26.03
C VAL D 185 0.35 -21.55 25.48
N VAL D 186 0.43 -22.72 24.84
CA VAL D 186 -0.75 -23.39 24.28
C VAL D 186 -1.77 -23.69 25.39
N MET D 187 -1.33 -24.24 26.52
CA MET D 187 -2.26 -24.54 27.63
C MET D 187 -2.95 -23.30 28.22
N GLU D 188 -2.35 -22.13 28.08
CA GLU D 188 -3.00 -20.88 28.45
C GLU D 188 -4.00 -20.39 27.36
N ILE D 189 -3.54 -20.26 26.13
CA ILE D 189 -4.41 -19.70 25.06
C ILE D 189 -5.53 -20.64 24.60
N CYS D 190 -5.41 -21.95 24.88
CA CYS D 190 -6.44 -22.90 24.53
C CYS D 190 -7.77 -22.68 25.29
N GLN D 191 -7.72 -21.91 26.37
CA GLN D 191 -8.91 -21.55 27.15
C GLN D 191 -9.71 -20.37 26.57
N HIS D 192 -9.14 -19.67 25.57
CA HIS D 192 -9.89 -18.62 24.89
C HIS D 192 -11.10 -19.21 24.17
N SER D 193 -12.24 -18.54 24.25
CA SER D 193 -13.46 -19.05 23.61
C SER D 193 -13.40 -19.13 22.07
N ASN D 194 -12.50 -18.36 21.44
CA ASN D 194 -12.26 -18.45 19.98
C ASN D 194 -11.15 -19.41 19.58
N PHE D 195 -10.54 -20.12 20.53
CA PHE D 195 -9.49 -21.07 20.20
C PHE D 195 -10.09 -22.32 19.56
N LEU D 196 -9.72 -22.58 18.30
CA LEU D 196 -10.22 -23.76 17.59
C LEU D 196 -9.33 -24.99 17.79
N GLY D 197 -8.04 -24.77 17.99
CA GLY D 197 -7.04 -25.82 18.05
C GLY D 197 -5.72 -25.42 17.45
N MET D 198 -4.74 -26.34 17.50
CA MET D 198 -3.43 -26.19 16.89
C MET D 198 -3.40 -26.77 15.48
N LYS D 199 -2.71 -26.09 14.57
CA LYS D 199 -2.16 -26.72 13.38
C LYS D 199 -0.73 -27.01 13.83
N GLU D 200 -0.50 -28.26 14.23
CA GLU D 200 0.75 -28.65 14.85
C GLU D 200 1.61 -29.39 13.85
N CYS D 201 2.87 -28.92 13.70
CA CYS D 201 3.81 -29.55 12.76
C CYS D 201 4.99 -30.25 13.41
N THR D 202 5.09 -30.26 14.74
CA THR D 202 6.24 -30.91 15.43
C THR D 202 6.07 -32.41 15.72
N GLY D 203 4.97 -33.00 15.28
CA GLY D 203 4.83 -34.46 15.27
C GLY D 203 3.71 -35.04 16.10
N ASN D 204 3.51 -36.35 15.92
CA ASN D 204 2.40 -37.05 16.55
C ASN D 204 2.51 -37.16 18.06
N SER D 205 3.74 -37.18 18.59
CA SER D 205 3.98 -37.13 20.04
C SER D 205 3.50 -35.83 20.68
N ARG D 206 3.80 -34.72 20.01
CA ARG D 206 3.29 -33.42 20.42
C ARG D 206 1.78 -33.39 20.42
N ILE D 207 1.20 -33.87 19.32
CA ILE D 207 -0.26 -33.96 19.18
C ILE D 207 -0.90 -34.82 20.26
N LYS D 208 -0.32 -35.99 20.52
CA LYS D 208 -0.88 -36.91 21.52
C LYS D 208 -0.89 -36.26 22.88
N ASN D 209 0.19 -35.57 23.27
CA ASN D 209 0.23 -34.90 24.55
C ASN D 209 -0.85 -33.81 24.62
N TYR D 210 -1.00 -33.01 23.55
CA TYR D 210 -2.02 -31.96 23.54
C TYR D 210 -3.44 -32.54 23.60
N THR D 211 -3.73 -33.52 22.74
CA THR D 211 -5.09 -34.07 22.69
C THR D 211 -5.47 -34.81 23.98
N SER D 212 -4.51 -35.47 24.63
CA SER D 212 -4.76 -36.13 25.92
C SER D 212 -5.13 -35.12 27.02
N LYS D 213 -4.74 -33.85 26.84
CA LYS D 213 -5.12 -32.77 27.77
C LYS D 213 -6.26 -31.88 27.27
N GLY D 214 -7.02 -32.35 26.28
CA GLY D 214 -8.20 -31.64 25.79
C GLY D 214 -7.96 -30.53 24.76
N VAL D 215 -6.74 -30.43 24.24
CA VAL D 215 -6.41 -29.43 23.23
C VAL D 215 -6.61 -30.03 21.84
N ASN D 216 -7.57 -29.46 21.11
CA ASN D 216 -7.88 -29.91 19.76
C ASN D 216 -6.69 -29.64 18.83
N CYS D 217 -6.34 -30.62 17.98
CA CYS D 217 -5.20 -30.51 17.07
C CYS D 217 -5.56 -31.03 15.69
N TRP D 218 -5.10 -30.31 14.66
CA TRP D 218 -4.95 -30.82 13.31
C TRP D 218 -3.47 -31.06 13.07
N SER D 219 -3.14 -32.16 12.41
CA SER D 219 -1.78 -32.36 11.95
C SER D 219 -1.53 -31.47 10.74
N GLY D 220 -0.37 -30.82 10.73
CA GLY D 220 0.13 -30.11 9.56
C GLY D 220 1.04 -30.89 8.64
N ASN D 221 1.26 -32.18 8.94
CA ASN D 221 2.18 -33.03 8.14
C ASN D 221 1.43 -34.21 7.53
N ASP D 222 1.24 -34.16 6.21
CA ASP D 222 0.54 -35.23 5.48
C ASP D 222 1.03 -36.66 5.80
N ASP D 223 2.35 -36.86 5.81
CA ASP D 223 2.91 -38.20 6.09
C ASP D 223 2.71 -38.72 7.52
N GLU D 224 2.28 -37.85 8.42
CA GLU D 224 1.93 -38.22 9.79
C GLU D 224 0.43 -38.22 10.05
N SER D 225 -0.37 -37.71 9.12
CA SER D 225 -1.74 -37.28 9.41
C SER D 225 -2.70 -38.44 9.70
N HIS D 226 -2.54 -39.54 8.94
CA HIS D 226 -3.35 -40.73 9.18
C HIS D 226 -3.21 -41.20 10.62
N ASP D 227 -1.98 -41.39 11.06
CA ASP D 227 -1.74 -41.82 12.46
C ASP D 227 -2.10 -40.77 13.49
N ALA D 228 -1.94 -39.48 13.17
CA ALA D 228 -2.37 -38.39 14.06
C ALA D 228 -3.86 -38.50 14.35
N ARG D 229 -4.61 -38.69 13.28
CA ARG D 229 -6.06 -38.80 13.29
C ARG D 229 -6.53 -40.07 14.02
N HIS D 230 -5.98 -41.20 13.63
CA HIS D 230 -6.47 -42.52 14.10
C HIS D 230 -5.88 -42.99 15.42
N SER D 231 -4.66 -42.57 15.75
CA SER D 231 -3.96 -43.07 16.97
C SER D 231 -3.51 -42.01 17.97
N ASN D 232 -3.63 -40.72 17.63
CA ASN D 232 -3.12 -39.67 18.52
C ASN D 232 -4.14 -38.58 18.87
N GLY D 233 -5.42 -38.82 18.60
CA GLY D 233 -6.47 -37.92 19.02
C GLY D 233 -6.67 -36.66 18.15
N ALA D 234 -5.95 -36.54 17.04
CA ALA D 234 -6.13 -35.36 16.17
C ALA D 234 -7.50 -35.43 15.53
N VAL D 235 -8.19 -34.30 15.44
CA VAL D 235 -9.46 -34.24 14.69
C VAL D 235 -9.22 -34.55 13.21
N GLY D 236 -8.08 -34.13 12.67
CA GLY D 236 -7.72 -34.47 11.30
C GLY D 236 -6.49 -33.75 10.81
N VAL D 237 -6.55 -33.26 9.57
CA VAL D 237 -5.38 -32.75 8.84
C VAL D 237 -5.66 -31.40 8.15
N ILE D 238 -4.66 -30.52 8.15
CA ILE D 238 -4.60 -29.35 7.28
C ILE D 238 -3.49 -29.68 6.28
N SER D 239 -3.90 -29.93 5.03
CA SER D 239 -3.15 -30.76 4.11
C SER D 239 -2.64 -30.02 2.89
N VAL D 240 -1.47 -30.44 2.41
CA VAL D 240 -0.92 -30.02 1.14
C VAL D 240 -1.35 -30.97 0.02
N THR D 241 -1.13 -32.24 0.26
CA THR D 241 -1.37 -33.29 -0.72
C THR D 241 -2.84 -33.38 -1.16
N SER D 242 -3.78 -33.00 -0.28
CA SER D 242 -5.20 -32.91 -0.64
C SER D 242 -5.46 -32.03 -1.87
N ASN D 243 -4.61 -31.03 -2.12
CA ASN D 243 -4.67 -30.24 -3.38
C ASN D 243 -4.68 -31.11 -4.63
N VAL D 244 -3.92 -32.23 -4.58
CA VAL D 244 -3.71 -33.14 -5.71
C VAL D 244 -4.72 -34.31 -5.69
N ILE D 245 -4.87 -34.96 -4.52
CA ILE D 245 -5.73 -36.14 -4.34
C ILE D 245 -6.71 -35.98 -3.16
N PRO D 246 -7.65 -35.03 -3.29
CA PRO D 246 -8.52 -34.70 -2.15
C PRO D 246 -9.39 -35.86 -1.63
N GLY D 247 -9.90 -36.68 -2.55
CA GLY D 247 -10.73 -37.84 -2.20
C GLY D 247 -9.97 -38.91 -1.44
N LEU D 248 -8.71 -39.10 -1.79
CA LEU D 248 -7.86 -40.05 -1.06
C LEU D 248 -7.51 -39.54 0.35
N MET D 249 -7.26 -38.23 0.49
CA MET D 249 -7.03 -37.65 1.82
C MET D 249 -8.31 -37.70 2.65
N HIS D 250 -9.46 -37.54 2.00
CA HIS D 250 -10.75 -37.71 2.68
C HIS D 250 -10.88 -39.13 3.26
N LYS D 251 -10.54 -40.14 2.45
CA LYS D 251 -10.57 -41.53 2.92
C LYS D 251 -9.68 -41.77 4.14
N LEU D 252 -8.50 -41.15 4.14
CA LEU D 252 -7.58 -41.28 5.27
C LEU D 252 -8.07 -40.68 6.58
N MET D 253 -8.95 -39.69 6.48
CA MET D 253 -9.47 -38.97 7.65
C MET D 253 -10.80 -39.49 8.22
N HIS D 254 -11.53 -40.31 7.48
CA HIS D 254 -12.90 -40.72 7.92
C HIS D 254 -13.10 -42.21 7.97
N GLY D 255 -13.86 -42.62 9.01
CA GLY D 255 -14.13 -44.02 9.29
C GLY D 255 -12.95 -44.70 9.97
N SER D 256 -12.82 -45.99 9.65
CA SER D 256 -11.78 -46.82 10.21
C SER D 256 -10.41 -46.44 9.65
N PRO D 257 -9.35 -46.78 10.39
CA PRO D 257 -8.01 -46.71 9.84
C PRO D 257 -7.94 -47.29 8.45
N ASP D 258 -7.18 -46.67 7.56
CA ASP D 258 -6.84 -47.26 6.26
C ASP D 258 -5.32 -47.25 6.10
N PRO D 259 -4.61 -48.10 6.86
CA PRO D 259 -3.15 -48.06 6.78
C PRO D 259 -2.58 -48.52 5.42
N GLN D 260 -3.33 -49.31 4.67
CA GLN D 260 -2.89 -49.64 3.31
C GLN D 260 -2.86 -48.43 2.38
N LEU D 261 -3.91 -47.64 2.37
CA LEU D 261 -3.90 -46.39 1.58
C LEU D 261 -2.76 -45.46 2.03
N ASN D 262 -2.59 -45.31 3.35
CA ASN D 262 -1.52 -44.49 3.92
C ASN D 262 -0.16 -44.96 3.37
N ALA D 263 0.09 -46.28 3.44
CA ALA D 263 1.32 -46.85 2.91
C ALA D 263 1.48 -46.63 1.39
N ASP D 264 0.40 -46.81 0.65
CA ASP D 264 0.39 -46.62 -0.82
C ASP D 264 0.72 -45.19 -1.26
N LEU D 265 0.43 -44.21 -0.39
CA LEU D 265 0.67 -42.78 -0.67
C LEU D 265 2.01 -42.24 -0.15
N LYS D 266 2.80 -43.12 0.49
CA LYS D 266 4.03 -42.71 1.16
C LYS D 266 5.06 -42.07 0.21
N GLU D 267 5.32 -42.70 -0.92
CA GLU D 267 6.29 -42.18 -1.90
C GLU D 267 5.85 -40.82 -2.47
N LEU D 268 4.58 -40.70 -2.83
CA LEU D 268 4.04 -39.46 -3.32
C LEU D 268 4.19 -38.35 -2.26
N MET D 269 3.81 -38.66 -1.02
CA MET D 269 3.90 -37.69 0.06
C MET D 269 5.33 -37.21 0.30
N ALA D 270 6.31 -38.12 0.24
CA ALA D 270 7.72 -37.72 0.36
C ALA D 270 8.15 -36.81 -0.81
N TRP D 271 7.74 -37.16 -2.04
CA TRP D 271 8.08 -36.36 -3.22
C TRP D 271 7.49 -34.92 -3.14
N MET D 272 6.28 -34.81 -2.57
CA MET D 272 5.66 -33.50 -2.31
C MET D 272 6.48 -32.55 -1.40
N PHE D 273 7.47 -33.10 -0.68
CA PHE D 273 8.34 -32.30 0.17
C PHE D 273 9.83 -32.50 -0.12
N CYS D 274 10.17 -32.94 -1.33
CA CYS D 274 11.60 -33.15 -1.66
C CYS D 274 12.33 -31.79 -1.81
N GLU D 275 11.59 -30.74 -2.17
CA GLU D 275 12.01 -29.36 -1.95
C GLU D 275 10.97 -28.74 -1.03
N PRO D 276 11.29 -27.60 -0.40
CA PRO D 276 10.29 -27.01 0.51
C PRO D 276 8.95 -26.71 -0.17
N ASN D 277 7.87 -27.10 0.51
CA ASN D 277 6.51 -26.80 0.08
C ASN D 277 6.36 -25.27 -0.04
N PRO D 278 5.75 -24.75 -1.12
CA PRO D 278 4.98 -25.47 -2.14
C PRO D 278 5.67 -25.74 -3.49
N ILE D 279 6.98 -25.92 -3.51
CA ILE D 279 7.69 -26.14 -4.78
C ILE D 279 7.14 -27.37 -5.52
N SER D 280 7.02 -28.51 -4.83
CA SER D 280 6.54 -29.73 -5.50
C SER D 280 5.08 -29.59 -5.91
N LEU D 281 4.26 -29.05 -5.02
CA LEU D 281 2.84 -28.82 -5.34
C LEU D 281 2.70 -27.97 -6.58
N ASN D 282 3.38 -26.83 -6.63
CA ASN D 282 3.30 -25.93 -7.80
C ASN D 282 3.74 -26.64 -9.08
N THR D 283 4.78 -27.46 -8.97
CA THR D 283 5.29 -28.19 -10.12
C THR D 283 4.26 -29.25 -10.53
N ALA D 284 3.75 -29.97 -9.54
CA ALA D 284 2.76 -31.04 -9.77
C ALA D 284 1.49 -30.57 -10.47
N LEU D 285 0.91 -29.47 -9.99
CA LEU D 285 -0.32 -28.95 -10.59
C LEU D 285 -0.09 -28.49 -12.04
N ALA D 286 1.09 -27.97 -12.34
CA ALA D 286 1.44 -27.63 -13.73
C ALA D 286 1.56 -28.87 -14.60
N MET D 287 2.24 -29.89 -14.07
CA MET D 287 2.42 -31.20 -14.73
C MET D 287 1.08 -31.90 -15.04
N CYS D 288 0.09 -31.72 -14.15
CA CYS D 288 -1.23 -32.30 -14.31
C CYS D 288 -2.24 -31.42 -15.08
N GLY D 289 -1.80 -30.28 -15.60
CA GLY D 289 -2.66 -29.37 -16.33
C GLY D 289 -3.69 -28.63 -15.50
N LEU D 290 -3.46 -28.53 -14.18
CA LEU D 290 -4.42 -27.95 -13.24
C LEU D 290 -4.07 -26.50 -12.80
N ALA D 291 -2.84 -26.06 -13.10
CA ALA D 291 -2.41 -24.67 -12.92
C ALA D 291 -1.34 -24.36 -13.96
N ARG D 292 -1.18 -23.09 -14.30
CA ARG D 292 -0.14 -22.71 -15.26
C ARG D 292 1.25 -22.85 -14.61
N PRO D 293 2.29 -23.09 -15.42
CA PRO D 293 3.64 -23.28 -14.90
C PRO D 293 4.31 -21.96 -14.51
N VAL D 294 3.69 -21.24 -13.59
CA VAL D 294 4.10 -19.89 -13.23
C VAL D 294 4.40 -19.87 -11.74
N PHE D 295 5.59 -19.36 -11.40
CA PHE D 295 6.06 -19.29 -10.01
C PHE D 295 6.32 -17.83 -9.65
N ARG D 296 5.85 -17.42 -8.48
CA ARG D 296 6.33 -16.18 -7.85
C ARG D 296 7.61 -16.48 -7.10
N LEU D 297 8.66 -15.71 -7.36
CA LEU D 297 9.93 -15.87 -6.67
C LEU D 297 9.78 -15.55 -5.16
N PRO D 298 10.49 -16.26 -4.28
CA PRO D 298 11.72 -17.03 -4.57
C PRO D 298 11.52 -18.52 -4.89
N TYR D 299 10.28 -18.96 -5.17
CA TYR D 299 10.06 -20.34 -5.54
C TYR D 299 10.37 -20.55 -7.02
N VAL D 300 10.99 -21.69 -7.32
CA VAL D 300 11.28 -22.11 -8.69
C VAL D 300 10.93 -23.61 -8.79
N PRO D 301 10.67 -24.11 -10.01
CA PRO D 301 10.19 -25.50 -10.12
C PRO D 301 11.23 -26.55 -9.76
N LEU D 302 10.75 -27.75 -9.54
CA LEU D 302 11.60 -28.91 -9.41
C LEU D 302 12.42 -29.08 -10.70
N SER D 303 13.56 -29.77 -10.59
CA SER D 303 14.41 -30.05 -11.75
C SER D 303 13.73 -31.05 -12.67
N ARG D 304 14.22 -31.16 -13.91
CA ARG D 304 13.74 -32.16 -14.86
C ARG D 304 13.75 -33.57 -14.26
N ALA D 305 14.86 -33.95 -13.65
CA ALA D 305 14.98 -35.29 -13.03
C ALA D 305 13.95 -35.53 -11.91
N GLN D 306 13.70 -34.51 -11.09
CA GLN D 306 12.68 -34.63 -10.02
C GLN D 306 11.27 -34.72 -10.60
N ARG D 307 11.01 -34.01 -11.69
CA ARG D 307 9.73 -34.10 -12.38
C ARG D 307 9.50 -35.49 -13.01
N GLU D 308 10.57 -36.12 -13.52
CA GLU D 308 10.50 -37.51 -14.05
C GLU D 308 10.06 -38.49 -12.99
N LYS D 309 10.69 -38.41 -11.83
CA LYS D 309 10.31 -39.26 -10.70
C LYS D 309 8.87 -38.99 -10.29
N GLY D 310 8.51 -37.70 -10.19
CA GLY D 310 7.14 -37.30 -9.87
C GLY D 310 6.05 -37.77 -10.82
N ALA D 311 6.31 -37.73 -12.12
CA ALA D 311 5.33 -38.14 -13.14
C ALA D 311 4.88 -39.58 -12.95
N VAL D 312 5.83 -40.45 -12.61
CA VAL D 312 5.54 -41.86 -12.34
C VAL D 312 4.58 -41.96 -11.15
N LEU D 313 4.87 -41.21 -10.08
CA LEU D 313 4.05 -41.27 -8.86
C LEU D 313 2.66 -40.69 -9.08
N LEU D 314 2.60 -39.59 -9.84
CA LEU D 314 1.32 -38.94 -10.17
C LEU D 314 0.47 -39.81 -11.12
N ASN D 315 1.09 -40.41 -12.13
CA ASN D 315 0.41 -41.37 -13.02
C ASN D 315 -0.28 -42.53 -12.29
N LYS D 316 0.37 -43.07 -11.25
CA LYS D 316 -0.22 -44.13 -10.42
C LYS D 316 -1.56 -43.75 -9.76
N VAL D 317 -1.75 -42.46 -9.46
CA VAL D 317 -3.00 -41.99 -8.83
C VAL D 317 -3.81 -41.04 -9.72
N GLN D 318 -3.57 -41.05 -11.04
CA GLN D 318 -4.20 -40.08 -11.95
C GLN D 318 -5.72 -40.04 -11.89
N GLU D 319 -6.36 -41.21 -11.73
CA GLU D 319 -7.83 -41.26 -11.61
C GLU D 319 -8.36 -40.55 -10.36
N HIS D 320 -7.51 -40.34 -9.36
CA HIS D 320 -7.86 -39.58 -8.15
C HIS D 320 -7.40 -38.12 -8.15
N ILE D 321 -6.86 -37.64 -9.28
CA ILE D 321 -6.49 -36.23 -9.44
C ILE D 321 -7.59 -35.55 -10.24
N PRO D 322 -8.51 -34.83 -9.56
CA PRO D 322 -9.73 -34.40 -10.28
C PRO D 322 -9.43 -33.43 -11.41
N GLY D 323 -10.00 -33.69 -12.59
CA GLY D 323 -9.80 -32.88 -13.77
C GLY D 323 -8.48 -33.10 -14.49
N CYS D 324 -7.64 -34.00 -13.99
CA CYS D 324 -6.34 -34.28 -14.63
C CYS D 324 -6.58 -35.10 -15.90
N LYS D 325 -6.18 -34.57 -17.05
CA LYS D 325 -6.33 -35.25 -18.34
C LYS D 325 -5.08 -36.08 -18.67
N SER D 326 -3.90 -35.53 -18.37
CA SER D 326 -2.67 -36.30 -18.45
C SER D 326 -1.56 -35.68 -17.60
N VAL D 327 -0.60 -36.49 -17.22
CA VAL D 327 0.58 -36.03 -16.49
C VAL D 327 1.72 -35.90 -17.49
N ARG D 328 2.26 -34.68 -17.61
CA ARG D 328 3.43 -34.40 -18.44
C ARG D 328 4.62 -34.11 -17.54
N VAL D 329 5.80 -34.57 -17.94
CA VAL D 329 7.05 -34.27 -17.22
C VAL D 329 7.34 -32.77 -17.34
N MET D 330 7.09 -32.22 -18.54
CA MET D 330 7.33 -30.81 -18.92
C MET D 330 8.81 -30.51 -19.12
N GLU D 331 9.07 -29.51 -19.97
CA GLU D 331 10.44 -29.06 -20.25
C GLU D 331 10.74 -27.80 -19.46
N ASP D 332 12.01 -27.60 -19.14
CA ASP D 332 12.45 -26.49 -18.29
C ASP D 332 12.02 -25.11 -18.84
N HIS D 333 12.02 -24.94 -20.17
CA HIS D 333 11.64 -23.66 -20.80
C HIS D 333 10.15 -23.28 -20.66
N GLU D 334 9.30 -24.24 -20.33
CA GLU D 334 7.87 -23.96 -20.14
C GLU D 334 7.56 -23.17 -18.87
N PHE D 335 8.45 -23.18 -17.90
CA PHE D 335 8.21 -22.51 -16.62
C PHE D 335 8.54 -21.03 -16.68
N ILE D 336 7.70 -20.24 -16.02
CA ILE D 336 7.77 -18.78 -16.01
C ILE D 336 7.99 -18.35 -14.56
N LEU D 337 9.02 -17.55 -14.32
CA LEU D 337 9.36 -17.03 -13.01
C LEU D 337 9.01 -15.56 -13.00
N VAL D 338 8.22 -15.15 -12.02
CA VAL D 338 7.81 -13.74 -11.86
C VAL D 338 8.38 -13.17 -10.55
N GLY D 339 8.91 -11.96 -10.60
CA GLY D 339 9.53 -11.35 -9.44
C GLY D 339 10.72 -10.49 -9.80
N ARG D 340 11.41 -10.84 -10.90
CA ARG D 340 12.36 -9.97 -11.62
C ARG D 340 13.77 -10.08 -11.09
#